data_7YAW
#
_entry.id   7YAW
#
_cell.length_a   57.675
_cell.length_b   142.772
_cell.length_c   179.132
_cell.angle_alpha   90.000
_cell.angle_beta   90.000
_cell.angle_gamma   90.000
#
_symmetry.space_group_name_H-M   'P 21 21 21'
#
loop_
_entity.id
_entity.type
_entity.pdbx_description
1 polymer 'Mitogen-activated protein kinase kinase kinase MLT'
2 non-polymer ~{N}-[3-[[5-[1-[2,6-bis(fluoranyl)-3-[(3-phenylphenyl)sulfonylamino]phenyl]-1,2,3-triazol-4-yl]-1~{H}-pyrazolo[3,4-b]pyridin-3-yl]oxy]propyl]propanamide
3 water water
#
_entity_poly.entity_id   1
_entity_poly.type   'polypeptide(L)'
_entity_poly.pdbx_seq_one_letter_code
;GAMGSGASFVQIKFDDLQFFENCGGGSFGSVYRAKWISQDKEVAVKKLLKIEKEAEILSVLSHRNIIQFYGVILEPPNYG
IVTEYASLGSLYDYINSNRSEEMDMDHIMTWATDVAKGMHYLHMEAPVKVIHRDLKSRNVVIAADGVLKICDFGASRFHN
HTTHMSLVGTFPWMAPEVIQSLPVSETCDTYSYGVVLWEMLTREVPFKGLEGLQVAWLVVEKNERLTIPSSCPRSFAELL
HQCWEADAKKRPSFKQIISILESMSNDTSLPDKCNSFLHNKAEWRCEIEATLERLKKLERDLSFKEQELK
;
_entity_poly.pdbx_strand_id   D,A,B,C
#
loop_
_chem_comp.id
_chem_comp.type
_chem_comp.name
_chem_comp.formula
IGS non-polymer ~{N}-[3-[[5-[1-[2,6-bis(fluoranyl)-3-[(3-phenylphenyl)sulfonylamino]phenyl]-1,2,3-triazol-4-yl]-1~{H}-pyrazolo[3,4-b]pyridin-3-yl]oxy]propyl]propanamide 'C32 H28 F2 N8 O4 S'
#
# COMPACT_ATOMS: atom_id res chain seq x y z
N PHE A 9 14.60 -29.47 5.52
CA PHE A 9 13.54 -28.72 6.18
C PHE A 9 13.74 -27.25 5.88
N VAL A 10 13.32 -26.82 4.68
CA VAL A 10 13.39 -25.40 4.36
C VAL A 10 12.45 -24.62 5.27
N GLN A 11 12.94 -23.49 5.79
CA GLN A 11 12.23 -22.67 6.75
C GLN A 11 11.81 -21.38 6.07
N ILE A 12 10.54 -21.03 6.20
CA ILE A 12 10.03 -19.79 5.65
C ILE A 12 9.76 -18.86 6.81
N LYS A 13 10.19 -17.59 6.66
CA LYS A 13 10.09 -16.59 7.72
C LYS A 13 8.74 -15.90 7.74
N PHE A 14 8.22 -15.67 8.96
CA PHE A 14 7.06 -14.82 9.17
C PHE A 14 7.18 -13.52 8.41
N ASP A 15 8.33 -12.86 8.49
CA ASP A 15 8.58 -11.59 7.83
C ASP A 15 8.68 -11.73 6.31
N ASP A 16 8.67 -12.96 5.79
CA ASP A 16 8.66 -13.22 4.36
C ASP A 16 7.26 -13.53 3.83
N LEU A 17 6.23 -13.24 4.61
CA LEU A 17 4.86 -13.65 4.31
C LEU A 17 3.91 -12.47 4.51
N GLN A 18 2.90 -12.39 3.65
CA GLN A 18 1.79 -11.48 3.83
C GLN A 18 0.50 -12.29 3.74
N PHE A 19 -0.38 -12.13 4.73
CA PHE A 19 -1.58 -12.95 4.86
C PHE A 19 -2.80 -12.14 4.42
N PHE A 20 -3.62 -12.73 3.54
CA PHE A 20 -4.73 -12.02 2.93
C PHE A 20 -6.11 -12.56 3.31
N GLU A 21 -6.20 -13.77 3.84
CA GLU A 21 -7.48 -14.46 3.85
C GLU A 21 -7.36 -15.72 4.71
N ASN A 22 -8.37 -16.02 5.48
CA ASN A 22 -8.29 -17.22 6.32
C ASN A 22 -9.53 -18.09 6.25
N CYS A 23 -9.28 -19.39 6.34
CA CYS A 23 -10.33 -20.39 6.28
C CYS A 23 -10.28 -21.13 7.61
N GLY A 24 -11.35 -21.04 8.40
CA GLY A 24 -11.40 -21.74 9.66
C GLY A 24 -11.35 -20.89 10.92
N GLY A 25 -11.31 -19.57 10.76
CA GLY A 25 -11.44 -18.67 11.88
C GLY A 25 -10.17 -18.37 12.66
N GLY A 26 -9.00 -18.56 12.05
CA GLY A 26 -7.76 -18.30 12.75
C GLY A 26 -7.39 -19.32 13.81
N SER A 27 -8.19 -20.37 13.96
CA SER A 27 -7.90 -21.45 14.90
C SER A 27 -6.75 -22.31 14.39
N PHE A 28 -6.22 -23.16 15.28
CA PHE A 28 -5.24 -24.14 14.83
C PHE A 28 -5.87 -25.03 13.78
N GLY A 29 -5.14 -25.28 12.70
CA GLY A 29 -5.67 -25.98 11.56
C GLY A 29 -6.29 -25.09 10.50
N SER A 30 -6.49 -23.80 10.79
CA SER A 30 -6.92 -22.86 9.77
C SER A 30 -5.85 -22.76 8.67
N VAL A 31 -6.32 -22.41 7.48
CA VAL A 31 -5.45 -22.29 6.30
C VAL A 31 -5.58 -20.87 5.76
N TYR A 32 -4.45 -20.24 5.50
CA TYR A 32 -4.38 -18.86 5.04
C TYR A 32 -3.96 -18.84 3.57
N ARG A 33 -4.56 -17.94 2.79
CA ARG A 33 -3.95 -17.58 1.51
C ARG A 33 -2.99 -16.44 1.75
N ALA A 34 -1.77 -16.59 1.26
CA ALA A 34 -0.70 -15.68 1.64
C ALA A 34 0.25 -15.50 0.47
N LYS A 35 1.16 -14.56 0.62
CA LYS A 35 2.18 -14.32 -0.38
C LYS A 35 3.55 -14.51 0.24
N TRP A 36 4.36 -15.39 -0.37
CA TRP A 36 5.76 -15.61 -0.05
C TRP A 36 6.56 -14.54 -0.78
N ILE A 37 7.00 -13.52 -0.06
CA ILE A 37 7.49 -12.28 -0.69
C ILE A 37 8.78 -12.52 -1.46
N SER A 38 9.78 -13.11 -0.81
CA SER A 38 11.07 -13.31 -1.48
C SER A 38 10.92 -14.18 -2.72
N GLN A 39 9.94 -15.08 -2.75
CA GLN A 39 9.72 -15.88 -3.93
C GLN A 39 8.68 -15.29 -4.88
N ASP A 40 7.99 -14.22 -4.48
CA ASP A 40 6.93 -13.64 -5.31
C ASP A 40 5.90 -14.70 -5.68
N LYS A 41 5.59 -15.57 -4.72
CA LYS A 41 4.75 -16.75 -4.92
C LYS A 41 3.53 -16.68 -4.00
N GLU A 42 2.38 -17.01 -4.55
CA GLU A 42 1.18 -17.24 -3.75
C GLU A 42 1.29 -18.61 -3.10
N VAL A 43 0.93 -18.69 -1.82
CA VAL A 43 1.07 -19.93 -1.04
C VAL A 43 -0.12 -20.08 -0.11
N ALA A 44 -0.28 -21.32 0.35
CA ALA A 44 -1.21 -21.64 1.42
C ALA A 44 -0.41 -21.87 2.70
N VAL A 45 -0.97 -21.45 3.83
CA VAL A 45 -0.29 -21.58 5.12
C VAL A 45 -1.29 -22.19 6.11
N LYS A 46 -0.94 -23.35 6.68
CA LYS A 46 -1.73 -23.91 7.75
C LYS A 46 -1.08 -23.62 9.10
N LYS A 47 -1.86 -23.08 10.02
CA LYS A 47 -1.41 -22.85 11.39
C LYS A 47 -1.47 -24.15 12.17
N LEU A 48 -0.39 -24.47 12.88
CA LEU A 48 -0.33 -25.64 13.76
C LEU A 48 -0.01 -25.24 15.19
N LEU A 49 -0.46 -26.07 16.14
CA LEU A 49 -0.05 -25.92 17.52
C LEU A 49 1.44 -26.17 17.69
N LYS A 50 1.96 -27.24 17.06
CA LYS A 50 3.36 -27.61 17.15
C LYS A 50 3.71 -28.50 15.96
N ILE A 51 5.00 -28.53 15.62
CA ILE A 51 5.52 -29.40 14.56
C ILE A 51 6.05 -30.65 15.24
N GLU A 52 5.30 -31.74 15.16
CA GLU A 52 5.71 -33.01 15.76
C GLU A 52 6.74 -33.70 14.89
N LYS A 53 7.75 -34.29 15.55
CA LYS A 53 8.85 -34.91 14.82
C LYS A 53 8.36 -35.98 13.84
N GLU A 54 7.29 -36.71 14.19
CA GLU A 54 6.83 -37.80 13.32
C GLU A 54 6.48 -37.28 11.93
N ALA A 55 5.76 -36.16 11.88
CA ALA A 55 5.23 -35.67 10.61
C ALA A 55 6.27 -34.95 9.76
N GLU A 56 7.51 -34.83 10.22
CA GLU A 56 8.52 -34.20 9.39
C GLU A 56 8.79 -35.02 8.13
N ILE A 57 8.50 -36.31 8.17
CA ILE A 57 8.69 -37.15 7.00
C ILE A 57 7.65 -36.84 5.92
N LEU A 58 6.52 -36.21 6.27
CA LEU A 58 5.59 -35.72 5.27
C LEU A 58 6.23 -34.70 4.35
N SER A 59 7.27 -34.02 4.81
N SER A 59 7.27 -34.02 4.81
CA SER A 59 7.92 -32.99 3.99
CA SER A 59 7.92 -32.99 4.01
C SER A 59 8.47 -33.57 2.69
C SER A 59 8.58 -33.55 2.76
N VAL A 60 8.81 -34.86 2.69
CA VAL A 60 9.45 -35.46 1.52
C VAL A 60 8.45 -36.06 0.54
N LEU A 61 7.16 -36.09 0.86
CA LEU A 61 6.21 -36.61 -0.11
C LEU A 61 6.09 -35.62 -1.24
N SER A 62 6.00 -36.14 -2.46
CA SER A 62 5.91 -35.29 -3.62
C SER A 62 5.25 -36.08 -4.73
N HIS A 63 4.21 -35.51 -5.32
CA HIS A 63 3.48 -36.14 -6.41
C HIS A 63 2.57 -35.11 -7.06
N ARG A 64 2.37 -35.23 -8.38
CA ARG A 64 1.64 -34.18 -9.09
C ARG A 64 0.17 -34.10 -8.66
N ASN A 65 -0.39 -35.15 -8.05
CA ASN A 65 -1.76 -35.10 -7.57
C ASN A 65 -1.84 -34.89 -6.06
N ILE A 66 -0.76 -34.45 -5.44
CA ILE A 66 -0.69 -34.10 -4.03
C ILE A 66 -0.22 -32.66 -3.88
N ILE A 67 -0.76 -31.92 -2.91
CA ILE A 67 -0.32 -30.55 -2.70
C ILE A 67 1.15 -30.55 -2.27
N GLN A 68 1.92 -29.59 -2.80
CA GLN A 68 3.37 -29.64 -2.68
C GLN A 68 3.85 -28.86 -1.46
N PHE A 69 4.57 -29.53 -0.57
CA PHE A 69 5.22 -28.88 0.56
C PHE A 69 6.23 -27.84 0.07
N TYR A 70 6.15 -26.64 0.64
CA TYR A 70 7.16 -25.61 0.41
C TYR A 70 8.08 -25.36 1.60
N GLY A 71 7.58 -25.48 2.82
CA GLY A 71 8.42 -25.17 3.97
C GLY A 71 7.60 -25.05 5.24
N VAL A 72 8.32 -24.77 6.33
CA VAL A 72 7.71 -24.66 7.65
C VAL A 72 7.96 -23.28 8.21
N ILE A 73 7.02 -22.79 8.99
CA ILE A 73 7.21 -21.58 9.78
C ILE A 73 7.53 -22.02 11.19
N LEU A 74 8.68 -21.58 11.71
CA LEU A 74 9.07 -21.84 13.10
C LEU A 74 9.42 -20.50 13.72
N GLU A 75 8.42 -19.77 14.18
CA GLU A 75 8.67 -18.58 15.00
C GLU A 75 7.87 -18.70 16.29
N PRO A 76 8.41 -19.45 17.25
CA PRO A 76 7.65 -19.87 18.44
C PRO A 76 7.03 -18.68 19.14
N PRO A 77 5.81 -18.84 19.68
CA PRO A 77 5.00 -20.06 19.68
C PRO A 77 4.17 -20.24 18.40
N ASN A 78 4.51 -19.55 17.32
CA ASN A 78 3.74 -19.66 16.07
C ASN A 78 4.41 -20.68 15.17
N TYR A 79 3.62 -21.62 14.68
CA TYR A 79 4.14 -22.66 13.81
C TYR A 79 3.19 -22.87 12.64
N GLY A 80 3.76 -23.24 11.49
CA GLY A 80 2.94 -23.37 10.30
C GLY A 80 3.61 -24.22 9.25
N ILE A 81 2.80 -24.67 8.30
CA ILE A 81 3.28 -25.38 7.13
C ILE A 81 2.83 -24.62 5.89
N VAL A 82 3.76 -24.40 4.97
CA VAL A 82 3.52 -23.64 3.76
C VAL A 82 3.51 -24.60 2.58
N THR A 83 2.52 -24.46 1.69
CA THR A 83 2.43 -25.27 0.47
C THR A 83 2.10 -24.38 -0.71
N GLU A 84 2.14 -24.99 -1.90
CA GLU A 84 1.59 -24.34 -3.09
C GLU A 84 0.12 -24.00 -2.89
N TYR A 85 -0.34 -23.01 -3.65
CA TYR A 85 -1.73 -22.59 -3.67
C TYR A 85 -2.29 -22.84 -5.06
N ALA A 86 -3.25 -23.75 -5.17
CA ALA A 86 -3.85 -24.08 -6.46
C ALA A 86 -4.75 -22.95 -6.90
N SER A 87 -4.44 -22.39 -8.08
CA SER A 87 -5.07 -21.17 -8.59
C SER A 87 -6.59 -21.26 -8.75
N LEU A 88 -7.13 -22.43 -9.10
CA LEU A 88 -8.55 -22.51 -9.44
C LEU A 88 -9.42 -23.01 -8.29
N GLY A 89 -8.91 -23.01 -7.06
CA GLY A 89 -9.76 -23.28 -5.92
C GLY A 89 -10.09 -24.75 -5.70
N SER A 90 -11.05 -24.96 -4.81
CA SER A 90 -11.43 -26.29 -4.37
C SER A 90 -12.36 -26.97 -5.37
N LEU A 91 -12.20 -28.29 -5.49
CA LEU A 91 -13.09 -29.09 -6.33
C LEU A 91 -14.55 -28.86 -5.92
N TYR A 92 -14.80 -28.78 -4.61
CA TYR A 92 -16.17 -28.59 -4.12
C TYR A 92 -16.78 -27.30 -4.63
N ASP A 93 -16.04 -26.19 -4.57
CA ASP A 93 -16.61 -24.93 -5.04
C ASP A 93 -16.76 -24.92 -6.56
N TYR A 94 -15.88 -25.61 -7.27
CA TYR A 94 -16.01 -25.69 -8.73
C TYR A 94 -17.25 -26.50 -9.10
N ILE A 95 -17.50 -27.61 -8.42
CA ILE A 95 -18.60 -28.48 -8.82
C ILE A 95 -19.94 -27.77 -8.61
N ASN A 96 -20.11 -27.12 -7.46
CA ASN A 96 -21.34 -26.43 -7.13
C ASN A 96 -21.31 -24.98 -7.59
N SER A 97 -20.92 -24.79 -8.86
CA SER A 97 -20.98 -23.49 -9.53
C SER A 97 -21.41 -23.73 -10.96
N ASN A 98 -21.64 -22.63 -11.68
CA ASN A 98 -21.88 -22.77 -13.12
C ASN A 98 -20.60 -23.12 -13.89
N ARG A 99 -19.43 -23.09 -13.27
CA ARG A 99 -18.21 -23.42 -13.99
C ARG A 99 -18.19 -24.87 -14.45
N SER A 100 -18.87 -25.75 -13.72
CA SER A 100 -18.86 -27.17 -13.97
C SER A 100 -19.81 -27.61 -15.08
N GLU A 101 -20.50 -26.68 -15.74
CA GLU A 101 -21.30 -27.06 -16.93
C GLU A 101 -20.44 -27.74 -17.97
N GLU A 102 -19.15 -27.40 -18.03
CA GLU A 102 -18.23 -27.89 -19.05
C GLU A 102 -17.82 -29.33 -18.82
N MET A 103 -18.14 -29.91 -17.66
CA MET A 103 -17.69 -31.27 -17.40
C MET A 103 -18.33 -32.27 -18.34
N ASP A 104 -17.50 -33.15 -18.88
CA ASP A 104 -17.97 -34.22 -19.73
C ASP A 104 -17.22 -35.47 -19.34
N MET A 105 -17.49 -36.56 -20.06
CA MET A 105 -16.87 -37.86 -19.79
C MET A 105 -15.36 -37.75 -19.66
N ASP A 106 -14.72 -37.11 -20.63
CA ASP A 106 -13.26 -37.01 -20.61
C ASP A 106 -12.78 -36.21 -19.39
N HIS A 107 -13.49 -35.15 -19.06
CA HIS A 107 -13.15 -34.36 -17.89
C HIS A 107 -13.25 -35.22 -16.63
N ILE A 108 -14.35 -35.93 -16.47
CA ILE A 108 -14.55 -36.75 -15.28
C ILE A 108 -13.49 -37.83 -15.18
N MET A 109 -13.18 -38.50 -16.29
CA MET A 109 -12.18 -39.56 -16.23
C MET A 109 -10.79 -39.03 -15.84
N THR A 110 -10.40 -37.88 -16.38
CA THR A 110 -9.10 -37.30 -16.03
C THR A 110 -9.02 -36.95 -14.55
N TRP A 111 -10.09 -36.41 -13.99
CA TRP A 111 -10.09 -35.97 -12.61
C TRP A 111 -10.24 -37.14 -11.64
N ALA A 112 -11.10 -38.10 -11.98
CA ALA A 112 -11.16 -39.37 -11.26
C ALA A 112 -9.78 -40.00 -11.19
N THR A 113 -9.08 -40.04 -12.32
CA THR A 113 -7.74 -40.61 -12.37
C THR A 113 -6.74 -39.81 -11.55
N ASP A 114 -6.81 -38.48 -11.61
CA ASP A 114 -5.95 -37.62 -10.78
C ASP A 114 -6.03 -38.03 -9.31
N VAL A 115 -7.24 -38.06 -8.77
CA VAL A 115 -7.42 -38.36 -7.34
C VAL A 115 -7.00 -39.79 -7.04
N ALA A 116 -7.35 -40.73 -7.91
CA ALA A 116 -6.93 -42.11 -7.68
C ALA A 116 -5.41 -42.21 -7.66
N LYS A 117 -4.72 -41.53 -8.58
CA LYS A 117 -3.27 -41.66 -8.59
C LYS A 117 -2.65 -40.96 -7.39
N GLY A 118 -3.23 -39.84 -6.98
CA GLY A 118 -2.76 -39.21 -5.77
C GLY A 118 -2.92 -40.11 -4.56
N MET A 119 -4.08 -40.74 -4.43
CA MET A 119 -4.33 -41.60 -3.27
C MET A 119 -3.48 -42.86 -3.33
N HIS A 120 -3.26 -43.40 -4.54
CA HIS A 120 -2.41 -44.57 -4.67
C HIS A 120 -0.99 -44.26 -4.23
N TYR A 121 -0.46 -43.11 -4.64
CA TYR A 121 0.84 -42.67 -4.16
C TYR A 121 0.88 -42.63 -2.63
N LEU A 122 -0.14 -42.00 -2.02
CA LEU A 122 -0.15 -41.86 -0.56
C LEU A 122 -0.16 -43.22 0.13
N HIS A 123 -1.03 -44.13 -0.33
CA HIS A 123 -1.15 -45.46 0.27
C HIS A 123 0.10 -46.32 0.05
N MET A 124 0.69 -46.29 -1.17
CA MET A 124 1.64 -47.35 -1.57
C MET A 124 3.00 -46.89 -2.06
N GLU A 125 3.21 -45.63 -2.44
CA GLU A 125 4.45 -45.28 -3.13
C GLU A 125 5.35 -44.32 -2.37
N ALA A 126 4.86 -43.68 -1.31
CA ALA A 126 5.66 -42.72 -0.55
C ALA A 126 6.55 -43.47 0.44
N PRO A 127 7.54 -42.79 1.00
CA PRO A 127 8.39 -43.45 2.01
C PRO A 127 7.63 -43.94 3.23
N VAL A 128 6.42 -43.43 3.50
CA VAL A 128 5.55 -43.94 4.55
C VAL A 128 4.16 -44.14 4.01
N LYS A 129 3.47 -45.16 4.51
CA LYS A 129 2.07 -45.35 4.20
C LYS A 129 1.25 -44.23 4.83
N VAL A 130 0.42 -43.57 4.04
CA VAL A 130 -0.41 -42.48 4.53
C VAL A 130 -1.86 -42.83 4.22
N ILE A 131 -2.69 -42.86 5.26
CA ILE A 131 -4.11 -43.08 5.12
C ILE A 131 -4.78 -41.74 5.41
N HIS A 132 -5.48 -41.18 4.42
CA HIS A 132 -5.98 -39.81 4.55
C HIS A 132 -7.04 -39.71 5.64
N ARG A 133 -8.14 -40.49 5.50
CA ARG A 133 -9.24 -40.54 6.45
C ARG A 133 -10.15 -39.31 6.40
N ASP A 134 -9.68 -38.21 5.82
CA ASP A 134 -10.57 -37.07 5.62
C ASP A 134 -10.60 -36.61 4.15
N LEU A 135 -10.53 -37.55 3.21
CA LEU A 135 -10.64 -37.19 1.80
C LEU A 135 -12.04 -36.71 1.48
N LYS A 136 -12.13 -35.55 0.84
CA LYS A 136 -13.42 -35.03 0.42
C LYS A 136 -13.16 -33.98 -0.66
N SER A 137 -14.24 -33.47 -1.24
CA SER A 137 -14.12 -32.51 -2.33
C SER A 137 -13.62 -31.15 -1.87
N ARG A 138 -13.82 -30.77 -0.60
CA ARG A 138 -13.18 -29.56 -0.09
C ARG A 138 -11.68 -29.73 0.10
N ASN A 139 -11.20 -30.96 0.12
CA ASN A 139 -9.79 -31.26 0.35
C ASN A 139 -9.03 -31.54 -0.95
N VAL A 140 -9.70 -31.42 -2.09
CA VAL A 140 -9.07 -31.48 -3.40
C VAL A 140 -9.13 -30.10 -4.04
N VAL A 141 -8.00 -29.63 -4.54
CA VAL A 141 -7.93 -28.31 -5.15
C VAL A 141 -7.48 -28.46 -6.60
N ILE A 142 -7.75 -27.43 -7.40
CA ILE A 142 -7.54 -27.46 -8.85
C ILE A 142 -6.41 -26.49 -9.18
N ALA A 143 -5.31 -27.04 -9.70
CA ALA A 143 -4.21 -26.19 -10.14
C ALA A 143 -4.63 -25.44 -11.40
N ALA A 144 -3.78 -24.49 -11.80
CA ALA A 144 -4.09 -23.63 -12.94
C ALA A 144 -4.33 -24.43 -14.21
N ASP A 145 -3.62 -25.54 -14.41
CA ASP A 145 -3.78 -26.33 -15.62
C ASP A 145 -4.80 -27.46 -15.45
N GLY A 146 -5.61 -27.41 -14.39
CA GLY A 146 -6.64 -28.41 -14.19
C GLY A 146 -6.20 -29.68 -13.49
N VAL A 147 -4.93 -29.80 -13.10
CA VAL A 147 -4.48 -30.97 -12.34
C VAL A 147 -5.00 -30.89 -10.91
N LEU A 148 -5.65 -31.95 -10.45
CA LEU A 148 -6.20 -31.98 -9.08
C LEU A 148 -5.12 -32.37 -8.10
N LYS A 149 -5.15 -31.77 -6.92
CA LYS A 149 -4.14 -31.99 -5.89
C LYS A 149 -4.84 -32.24 -4.57
N ILE A 150 -4.52 -33.37 -3.93
CA ILE A 150 -5.13 -33.70 -2.64
C ILE A 150 -4.45 -32.89 -1.54
N CYS A 151 -5.25 -32.32 -0.64
CA CYS A 151 -4.75 -31.58 0.52
C CYS A 151 -5.04 -32.35 1.79
N ASP A 152 -4.34 -31.97 2.88
CA ASP A 152 -4.71 -32.37 4.23
C ASP A 152 -4.55 -33.86 4.48
N PHE A 153 -3.64 -34.49 3.74
CA PHE A 153 -3.42 -35.95 3.81
C PHE A 153 -2.67 -36.37 5.07
N GLY A 154 -2.02 -35.44 5.75
CA GLY A 154 -1.24 -35.78 6.95
C GLY A 154 -1.95 -35.45 8.24
N ALA A 155 -3.13 -34.86 8.18
CA ALA A 155 -3.85 -34.43 9.40
C ALA A 155 -4.22 -35.59 10.30
N SER A 156 -4.67 -36.70 9.73
CA SER A 156 -5.13 -37.87 10.54
C SER A 156 -4.03 -38.29 11.52
N ARG A 157 -2.76 -38.15 11.16
CA ARG A 157 -1.69 -38.45 12.13
C ARG A 157 -1.28 -37.17 12.88
N PHE A 158 -0.95 -36.12 12.14
CA PHE A 158 -0.46 -34.85 12.72
C PHE A 158 -1.58 -33.91 13.14
N HIS A 159 -1.81 -32.84 12.37
CA HIS A 159 -2.79 -31.78 12.72
C HIS A 159 -4.17 -32.34 13.08
N ASN A 160 -4.39 -32.67 14.35
CA ASN A 160 -5.71 -33.15 14.82
C ASN A 160 -6.64 -31.94 15.02
N HIS A 161 -6.17 -30.75 14.65
CA HIS A 161 -7.03 -29.54 14.73
C HIS A 161 -7.70 -29.31 13.38
N THR A 162 -7.07 -29.72 12.28
CA THR A 162 -7.75 -29.60 10.97
C THR A 162 -8.85 -30.65 10.94
N THR A 163 -8.64 -31.79 11.62
CA THR A 163 -9.75 -32.76 11.75
C THR A 163 -10.83 -32.03 12.55
N HIS A 164 -10.50 -31.57 13.77
CA HIS A 164 -11.45 -30.81 14.64
C HIS A 164 -10.75 -30.42 15.94
N SER A 166 -17.80 -27.54 14.64
CA SER A 166 -18.77 -28.48 14.03
C SER A 166 -18.08 -29.39 13.00
N LEU A 167 -18.77 -30.45 12.57
CA LEU A 167 -18.17 -31.41 11.60
C LEU A 167 -19.24 -31.79 10.60
N VAL A 168 -20.34 -31.04 10.57
CA VAL A 168 -21.46 -31.40 9.67
C VAL A 168 -20.94 -31.63 8.24
N GLY A 169 -20.12 -30.71 7.69
CA GLY A 169 -19.64 -30.81 6.30
C GLY A 169 -18.56 -31.86 6.07
N THR A 170 -18.58 -32.95 6.83
CA THR A 170 -17.61 -34.06 6.63
C THR A 170 -18.35 -35.40 6.57
N PHE A 171 -19.38 -35.59 7.39
CA PHE A 171 -20.11 -36.88 7.47
C PHE A 171 -20.49 -37.44 6.08
N PRO A 172 -20.99 -36.68 5.06
CA PRO A 172 -21.33 -37.33 3.78
C PRO A 172 -20.15 -38.04 3.12
N TRP A 173 -18.92 -37.65 3.44
CA TRP A 173 -17.75 -38.22 2.82
C TRP A 173 -17.11 -39.33 3.65
N MET A 174 -17.60 -39.59 4.85
CA MET A 174 -16.92 -40.50 5.78
C MET A 174 -17.46 -41.92 5.67
N ALA A 175 -16.55 -42.89 5.58
CA ALA A 175 -16.93 -44.28 5.59
C ALA A 175 -17.60 -44.63 6.93
N PRO A 176 -18.48 -45.64 6.94
CA PRO A 176 -19.13 -46.02 8.20
C PRO A 176 -18.16 -46.27 9.35
N GLU A 177 -17.06 -46.99 9.09
CA GLU A 177 -16.10 -47.24 10.15
C GLU A 177 -15.41 -45.97 10.63
N VAL A 178 -15.34 -44.94 9.79
CA VAL A 178 -14.77 -43.68 10.23
C VAL A 178 -15.76 -42.95 11.14
N ILE A 179 -17.03 -42.96 10.74
CA ILE A 179 -18.07 -42.32 11.54
C ILE A 179 -18.11 -42.94 12.94
N GLN A 180 -17.87 -44.25 13.02
CA GLN A 180 -17.93 -44.97 14.28
C GLN A 180 -16.64 -44.93 15.07
N SER A 181 -15.66 -44.14 14.62
CA SER A 181 -14.36 -44.03 15.28
C SER A 181 -13.73 -45.40 15.50
N LEU A 182 -13.99 -46.32 14.58
CA LEU A 182 -13.45 -47.66 14.64
C LEU A 182 -12.04 -47.67 14.07
N PRO A 183 -11.32 -48.78 14.18
CA PRO A 183 -10.03 -48.88 13.49
C PRO A 183 -10.21 -48.96 11.98
N VAL A 184 -9.22 -48.42 11.27
CA VAL A 184 -9.38 -48.02 9.88
C VAL A 184 -8.31 -48.69 9.02
N SER A 185 -8.73 -49.22 7.86
CA SER A 185 -7.78 -49.59 6.82
C SER A 185 -7.73 -48.51 5.73
N GLU A 186 -6.91 -48.74 4.71
CA GLU A 186 -6.79 -47.75 3.65
C GLU A 186 -8.06 -47.63 2.82
N THR A 187 -8.94 -48.63 2.83
CA THR A 187 -10.17 -48.52 2.04
C THR A 187 -11.16 -47.52 2.61
N CYS A 188 -10.93 -46.94 3.79
CA CYS A 188 -11.77 -45.81 4.18
C CYS A 188 -11.65 -44.68 3.16
N ASP A 189 -10.45 -44.48 2.60
CA ASP A 189 -10.26 -43.47 1.56
C ASP A 189 -10.97 -43.86 0.27
N THR A 190 -11.06 -45.16 -0.03
CA THR A 190 -11.82 -45.62 -1.19
C THR A 190 -13.27 -45.18 -1.09
N TYR A 191 -13.86 -45.31 0.11
CA TYR A 191 -15.24 -44.86 0.30
C TYR A 191 -15.37 -43.38 0.01
N SER A 192 -14.49 -42.58 0.61
CA SER A 192 -14.54 -41.13 0.39
C SER A 192 -14.41 -40.81 -1.09
N TYR A 193 -13.50 -41.50 -1.79
CA TYR A 193 -13.29 -41.28 -3.21
C TYR A 193 -14.56 -41.52 -4.01
N GLY A 194 -15.29 -42.59 -3.68
CA GLY A 194 -16.56 -42.84 -4.35
C GLY A 194 -17.50 -41.66 -4.26
N VAL A 195 -17.56 -41.01 -3.09
CA VAL A 195 -18.39 -39.83 -2.94
C VAL A 195 -17.93 -38.71 -3.86
N VAL A 196 -16.62 -38.47 -3.90
CA VAL A 196 -16.08 -37.45 -4.79
C VAL A 196 -16.47 -37.77 -6.24
N LEU A 197 -16.41 -39.04 -6.62
CA LEU A 197 -16.79 -39.43 -7.98
C LEU A 197 -18.27 -39.14 -8.24
N TRP A 198 -19.13 -39.40 -7.26
CA TRP A 198 -20.55 -39.10 -7.43
C TRP A 198 -20.77 -37.59 -7.56
N GLU A 199 -19.96 -36.78 -6.89
CA GLU A 199 -20.12 -35.33 -7.01
C GLU A 199 -19.78 -34.87 -8.41
N MET A 200 -18.73 -35.43 -9.00
CA MET A 200 -18.37 -35.09 -10.37
C MET A 200 -19.43 -35.57 -11.36
N LEU A 201 -20.09 -36.69 -11.08
CA LEU A 201 -21.08 -37.19 -12.05
C LEU A 201 -22.41 -36.44 -11.98
N THR A 202 -22.85 -36.04 -10.78
CA THR A 202 -24.16 -35.44 -10.61
C THR A 202 -24.12 -33.93 -10.43
N ARG A 203 -22.95 -33.36 -10.17
CA ARG A 203 -22.85 -31.95 -9.81
C ARG A 203 -23.86 -31.58 -8.74
N GLU A 204 -23.97 -32.44 -7.72
CA GLU A 204 -24.85 -32.17 -6.58
C GLU A 204 -24.05 -32.18 -5.27
N VAL A 205 -24.51 -31.37 -4.32
CA VAL A 205 -24.03 -31.44 -2.94
C VAL A 205 -24.50 -32.76 -2.35
N PRO A 206 -23.60 -33.60 -1.85
CA PRO A 206 -24.04 -34.88 -1.25
C PRO A 206 -24.96 -34.65 -0.05
N PHE A 207 -26.06 -35.43 -0.02
CA PHE A 207 -27.08 -35.37 1.03
C PHE A 207 -27.54 -33.93 1.29
N LYS A 208 -27.65 -33.15 0.23
CA LYS A 208 -28.01 -31.74 0.38
C LYS A 208 -29.31 -31.57 1.15
N GLY A 209 -29.31 -30.63 2.10
CA GLY A 209 -30.47 -30.31 2.92
C GLY A 209 -30.49 -31.03 4.26
N LEU A 210 -29.82 -32.17 4.35
CA LEU A 210 -29.81 -32.99 5.55
C LEU A 210 -28.71 -32.53 6.49
N GLU A 211 -28.97 -32.59 7.79
CA GLU A 211 -27.93 -32.25 8.77
C GLU A 211 -26.92 -33.39 8.84
N GLY A 212 -25.67 -33.03 9.19
CA GLY A 212 -24.60 -34.02 9.17
C GLY A 212 -24.91 -35.25 10.02
N LEU A 213 -25.42 -35.04 11.23
CA LEU A 213 -25.65 -36.18 12.11
C LEU A 213 -26.81 -37.05 11.64
N GLN A 214 -27.78 -36.49 10.90
CA GLN A 214 -28.75 -37.37 10.27
C GLN A 214 -28.07 -38.25 9.23
N VAL A 215 -27.19 -37.65 8.43
CA VAL A 215 -26.41 -38.42 7.45
C VAL A 215 -25.62 -39.53 8.14
N ALA A 216 -24.90 -39.18 9.22
CA ALA A 216 -24.12 -40.18 9.95
C ALA A 216 -24.97 -41.37 10.33
N TRP A 217 -26.19 -41.12 10.82
CA TRP A 217 -27.07 -42.22 11.21
C TRP A 217 -27.61 -42.98 10.00
N LEU A 218 -27.99 -42.26 8.93
CA LEU A 218 -28.47 -42.96 7.73
C LEU A 218 -27.38 -43.84 7.14
N VAL A 219 -26.13 -43.37 7.13
CA VAL A 219 -25.05 -44.14 6.53
C VAL A 219 -24.68 -45.36 7.37
N VAL A 220 -24.56 -45.19 8.69
CA VAL A 220 -24.05 -46.28 9.51
C VAL A 220 -25.14 -47.30 9.82
N GLU A 221 -26.35 -46.85 10.14
CA GLU A 221 -27.38 -47.77 10.59
C GLU A 221 -28.24 -48.34 9.47
N LYS A 222 -28.71 -47.49 8.58
CA LYS A 222 -29.63 -47.93 7.55
C LYS A 222 -28.93 -48.30 6.24
N ASN A 223 -27.59 -48.41 6.25
CA ASN A 223 -26.81 -48.61 5.03
C ASN A 223 -27.27 -47.72 3.88
N GLU A 224 -27.63 -46.47 4.19
CA GLU A 224 -27.99 -45.55 3.14
C GLU A 224 -26.74 -45.08 2.38
N ARG A 225 -26.92 -44.85 1.08
CA ARG A 225 -25.89 -44.32 0.21
C ARG A 225 -26.51 -43.25 -0.67
N LEU A 226 -25.64 -42.49 -1.35
CA LEU A 226 -26.10 -41.45 -2.27
C LEU A 226 -26.85 -42.09 -3.44
N THR A 227 -27.96 -41.45 -3.84
CA THR A 227 -28.77 -41.95 -4.95
C THR A 227 -28.01 -41.91 -6.28
N ILE A 228 -27.88 -43.06 -6.94
CA ILE A 228 -27.28 -43.14 -8.27
C ILE A 228 -28.40 -43.09 -9.30
N PRO A 229 -28.51 -42.03 -10.11
CA PRO A 229 -29.62 -41.92 -11.06
C PRO A 229 -29.66 -43.11 -12.01
N SER A 230 -30.88 -43.50 -12.39
CA SER A 230 -31.06 -44.73 -13.16
C SER A 230 -30.27 -44.67 -14.47
N SER A 231 -30.27 -43.52 -15.14
CA SER A 231 -29.57 -43.41 -16.41
C SER A 231 -28.07 -43.21 -16.26
N CYS A 232 -27.53 -43.18 -15.04
CA CYS A 232 -26.08 -43.15 -14.88
C CYS A 232 -25.50 -44.42 -15.49
N PRO A 233 -24.43 -44.32 -16.30
CA PRO A 233 -23.92 -45.51 -16.97
C PRO A 233 -23.48 -46.56 -15.96
N ARG A 234 -23.67 -47.83 -16.34
CA ARG A 234 -23.48 -48.94 -15.41
C ARG A 234 -22.05 -49.01 -14.89
N SER A 235 -21.07 -48.58 -15.70
CA SER A 235 -19.68 -48.70 -15.29
C SER A 235 -19.40 -47.83 -14.08
N PHE A 236 -20.01 -46.63 -14.05
CA PHE A 236 -19.85 -45.72 -12.93
C PHE A 236 -20.63 -46.20 -11.72
N ALA A 237 -21.85 -46.69 -11.93
CA ALA A 237 -22.66 -47.20 -10.82
C ALA A 237 -21.98 -48.39 -10.16
N GLU A 238 -21.39 -49.28 -10.96
CA GLU A 238 -20.69 -50.43 -10.39
C GLU A 238 -19.49 -50.00 -9.56
N LEU A 239 -18.70 -49.04 -10.07
CA LEU A 239 -17.54 -48.57 -9.31
C LEU A 239 -17.99 -47.89 -8.02
N LEU A 240 -19.03 -47.06 -8.10
CA LEU A 240 -19.55 -46.39 -6.91
C LEU A 240 -20.02 -47.41 -5.87
N HIS A 241 -20.80 -48.40 -6.30
CA HIS A 241 -21.31 -49.38 -5.34
C HIS A 241 -20.17 -50.15 -4.70
N GLN A 242 -19.14 -50.46 -5.49
CA GLN A 242 -17.98 -51.16 -4.93
C GLN A 242 -17.26 -50.31 -3.90
N CYS A 243 -17.21 -49.00 -4.12
CA CYS A 243 -16.52 -48.11 -3.19
C CYS A 243 -17.31 -47.91 -1.91
N TRP A 244 -18.61 -48.15 -1.95
CA TRP A 244 -19.52 -47.81 -0.86
C TRP A 244 -19.93 -49.02 -0.02
N GLU A 245 -19.33 -50.18 -0.27
CA GLU A 245 -19.62 -51.39 0.50
C GLU A 245 -19.44 -51.12 1.99
N ALA A 246 -20.47 -51.47 2.77
CA ALA A 246 -20.38 -51.34 4.22
C ALA A 246 -19.18 -52.09 4.76
N ASP A 247 -18.93 -53.29 4.25
CA ASP A 247 -17.72 -54.05 4.61
C ASP A 247 -16.50 -53.43 3.93
N ALA A 248 -15.57 -52.93 4.74
CA ALA A 248 -14.38 -52.26 4.20
C ALA A 248 -13.56 -53.19 3.30
N LYS A 249 -13.50 -54.48 3.63
CA LYS A 249 -12.66 -55.36 2.82
C LYS A 249 -13.23 -55.65 1.44
N LYS A 250 -14.50 -55.36 1.20
CA LYS A 250 -15.08 -55.53 -0.13
C LYS A 250 -14.81 -54.34 -1.05
N ARG A 251 -14.11 -53.29 -0.55
CA ARG A 251 -13.84 -52.09 -1.33
C ARG A 251 -12.53 -52.25 -2.11
N PRO A 252 -12.44 -51.69 -3.31
CA PRO A 252 -11.22 -51.82 -4.11
C PRO A 252 -10.08 -50.96 -3.58
N SER A 253 -8.86 -51.44 -3.81
CA SER A 253 -7.67 -50.61 -3.67
C SER A 253 -7.66 -49.51 -4.74
N PHE A 254 -6.77 -48.53 -4.55
CA PHE A 254 -6.66 -47.49 -5.55
C PHE A 254 -5.92 -47.98 -6.80
N LYS A 255 -5.03 -48.96 -6.66
CA LYS A 255 -4.50 -49.65 -7.83
C LYS A 255 -5.62 -50.30 -8.64
N GLN A 256 -6.58 -50.94 -7.97
CA GLN A 256 -7.70 -51.56 -8.68
C GLN A 256 -8.58 -50.49 -9.32
N ILE A 257 -8.80 -49.37 -8.64
CA ILE A 257 -9.60 -48.30 -9.22
C ILE A 257 -8.93 -47.76 -10.47
N ILE A 258 -7.61 -47.58 -10.42
CA ILE A 258 -6.86 -47.10 -11.58
C ILE A 258 -7.02 -48.07 -12.75
N SER A 259 -6.88 -49.37 -12.46
CA SER A 259 -7.12 -50.41 -13.46
C SER A 259 -8.55 -50.32 -14.01
N ILE A 260 -9.52 -50.10 -13.13
CA ILE A 260 -10.91 -50.03 -13.58
C ILE A 260 -11.13 -48.80 -14.44
N LEU A 261 -10.56 -47.66 -14.05
CA LEU A 261 -10.68 -46.47 -14.87
C LEU A 261 -10.02 -46.69 -16.23
N GLU A 262 -8.90 -47.42 -16.25
CA GLU A 262 -8.24 -47.79 -17.51
C GLU A 262 -9.17 -48.59 -18.40
N SER A 263 -9.82 -49.62 -17.85
CA SER A 263 -10.78 -50.38 -18.65
C SER A 263 -11.89 -49.49 -19.16
N MET A 264 -12.37 -48.58 -18.31
CA MET A 264 -13.51 -47.76 -18.70
C MET A 264 -13.15 -46.85 -19.86
N SER A 265 -11.94 -46.28 -19.82
CA SER A 265 -11.48 -45.40 -20.89
C SER A 265 -11.18 -46.16 -22.18
N ASN A 266 -11.05 -47.48 -22.11
CA ASN A 266 -10.93 -48.33 -23.29
C ASN A 266 -12.25 -48.99 -23.67
N ASP A 267 -13.36 -48.45 -23.19
CA ASP A 267 -14.71 -48.86 -23.59
C ASP A 267 -15.23 -47.79 -24.54
N THR A 268 -15.28 -48.09 -25.84
CA THR A 268 -15.67 -47.05 -26.78
C THR A 268 -17.14 -46.68 -26.69
N SER A 269 -17.97 -47.46 -25.98
CA SER A 269 -19.38 -47.07 -25.80
C SER A 269 -19.60 -46.10 -24.65
N LEU A 270 -18.70 -46.06 -23.66
CA LEU A 270 -18.94 -45.24 -22.48
C LEU A 270 -19.07 -43.75 -22.78
N PRO A 271 -18.22 -43.12 -23.62
CA PRO A 271 -18.37 -41.67 -23.83
C PRO A 271 -19.77 -41.23 -24.23
N ASP A 272 -20.43 -41.96 -25.15
CA ASP A 272 -21.78 -41.60 -25.54
C ASP A 272 -22.76 -41.80 -24.40
N LYS A 273 -22.69 -42.96 -23.74
CA LYS A 273 -23.56 -43.23 -22.59
C LYS A 273 -23.42 -42.14 -21.54
N CYS A 274 -22.18 -41.86 -21.13
CA CYS A 274 -21.96 -40.92 -20.04
C CYS A 274 -22.37 -39.51 -20.43
N ASN A 275 -22.00 -39.09 -21.63
CA ASN A 275 -22.26 -37.70 -22.01
C ASN A 275 -23.73 -37.44 -22.23
N SER A 276 -24.48 -38.44 -22.70
CA SER A 276 -25.92 -38.27 -22.80
C SER A 276 -26.54 -38.19 -21.40
N PHE A 277 -26.05 -39.02 -20.47
CA PHE A 277 -26.48 -38.93 -19.08
C PHE A 277 -26.24 -37.54 -18.50
N LEU A 278 -25.08 -36.93 -18.82
CA LEU A 278 -24.70 -35.68 -18.16
C LEU A 278 -25.59 -34.51 -18.58
N HIS A 279 -25.94 -34.40 -19.85
CA HIS A 279 -26.79 -33.30 -20.28
C HIS A 279 -28.28 -33.62 -20.18
N ASN A 280 -28.64 -34.73 -19.53
CA ASN A 280 -30.01 -35.06 -19.22
C ASN A 280 -30.36 -34.83 -17.74
N LYS A 281 -29.65 -33.92 -17.08
CA LYS A 281 -29.86 -33.73 -15.64
C LYS A 281 -31.27 -33.22 -15.35
N ALA A 282 -31.84 -32.43 -16.26
CA ALA A 282 -33.20 -31.93 -16.06
C ALA A 282 -34.20 -33.06 -15.86
N GLU A 283 -33.84 -34.30 -16.22
CA GLU A 283 -34.73 -35.45 -16.06
C GLU A 283 -34.41 -36.28 -14.82
N TRP A 284 -33.16 -36.64 -14.58
CA TRP A 284 -32.88 -37.52 -13.43
C TRP A 284 -32.71 -36.77 -12.12
N ARG A 285 -32.60 -35.44 -12.18
CA ARG A 285 -32.44 -34.64 -10.96
C ARG A 285 -33.56 -34.89 -9.96
N CYS A 286 -34.78 -35.17 -10.43
CA CYS A 286 -35.89 -35.44 -9.52
C CYS A 286 -35.69 -36.71 -8.72
N GLU A 287 -35.00 -37.70 -9.28
CA GLU A 287 -34.65 -38.91 -8.53
C GLU A 287 -33.84 -38.57 -7.28
N ILE A 288 -32.88 -37.65 -7.39
CA ILE A 288 -32.12 -37.22 -6.22
C ILE A 288 -33.04 -36.48 -5.26
N GLU A 289 -33.86 -35.57 -5.80
CA GLU A 289 -34.71 -34.76 -4.96
C GLU A 289 -35.82 -35.59 -4.30
N ALA A 290 -36.22 -36.70 -4.92
CA ALA A 290 -37.25 -37.53 -4.31
C ALA A 290 -36.69 -38.38 -3.17
N THR A 291 -35.45 -38.86 -3.30
CA THR A 291 -34.82 -39.53 -2.16
C THR A 291 -34.64 -38.57 -1.00
N LEU A 292 -34.17 -37.36 -1.28
CA LEU A 292 -33.98 -36.38 -0.21
C LEU A 292 -35.30 -36.08 0.50
N GLU A 293 -36.39 -36.00 -0.26
CA GLU A 293 -37.70 -35.82 0.35
C GLU A 293 -38.02 -36.96 1.31
N ARG A 294 -37.84 -38.20 0.85
CA ARG A 294 -38.14 -39.38 1.66
C ARG A 294 -37.31 -39.39 2.94
N LEU A 295 -36.03 -39.03 2.85
CA LEU A 295 -35.14 -39.13 4.01
C LEU A 295 -35.51 -38.11 5.10
N LYS A 296 -35.90 -36.89 4.71
CA LYS A 296 -36.32 -35.92 5.71
C LYS A 296 -37.74 -36.17 6.17
N LYS A 297 -38.59 -36.73 5.31
CA LYS A 297 -39.92 -37.15 5.75
C LYS A 297 -39.81 -38.28 6.77
N LEU A 298 -38.92 -39.26 6.52
CA LEU A 298 -38.68 -40.31 7.50
C LEU A 298 -38.21 -39.72 8.82
N GLU A 299 -37.40 -38.66 8.76
CA GLU A 299 -36.97 -37.96 9.97
C GLU A 299 -38.18 -37.38 10.71
N ARG A 300 -39.09 -36.75 9.98
CA ARG A 300 -40.34 -36.26 10.57
C ARG A 300 -41.35 -37.40 10.72
N PHE B 9 -9.93 36.40 6.22
CA PHE B 9 -8.74 36.88 6.95
C PHE B 9 -8.87 36.46 8.41
N VAL B 10 -8.54 35.20 8.71
CA VAL B 10 -8.69 34.64 10.05
C VAL B 10 -7.32 34.43 10.68
N GLN B 11 -7.29 34.47 12.01
CA GLN B 11 -6.04 34.31 12.74
C GLN B 11 -5.82 32.85 13.13
N ILE B 12 -4.55 32.48 13.23
CA ILE B 12 -4.12 31.27 13.92
C ILE B 12 -3.23 31.72 15.08
N LYS B 13 -3.46 31.12 16.25
CA LYS B 13 -2.67 31.47 17.43
C LYS B 13 -1.25 30.94 17.30
N PHE B 14 -0.28 31.78 17.63
CA PHE B 14 1.11 31.32 17.76
C PHE B 14 1.21 30.11 18.71
N ASP B 15 0.44 30.12 19.80
CA ASP B 15 0.39 28.99 20.73
C ASP B 15 -0.13 27.71 20.07
N ASP B 16 -0.73 27.82 18.89
CA ASP B 16 -1.36 26.66 18.26
C ASP B 16 -0.45 26.03 17.22
N LEU B 17 0.85 26.36 17.25
CA LEU B 17 1.82 25.88 16.28
C LEU B 17 3.05 25.31 16.97
N GLN B 18 3.57 24.19 16.44
CA GLN B 18 4.90 23.72 16.81
C GLN B 18 5.78 23.70 15.56
N PHE B 19 7.00 24.20 15.68
CA PHE B 19 7.90 24.41 14.54
C PHE B 19 8.96 23.32 14.49
N PHE B 20 9.16 22.73 13.30
CA PHE B 20 10.06 21.59 13.17
C PHE B 20 11.27 21.84 12.27
N GLU B 21 11.23 22.83 11.39
CA GLU B 21 12.27 22.99 10.40
C GLU B 21 12.18 24.40 9.86
N ASN B 22 13.32 25.02 9.60
CA ASN B 22 13.26 26.32 8.94
C ASN B 22 13.96 26.31 7.59
N CYS B 23 13.36 27.02 6.65
CA CYS B 23 13.90 27.16 5.32
C CYS B 23 14.21 28.65 5.08
N GLY B 24 15.46 28.98 4.77
CA GLY B 24 15.83 30.37 4.54
C GLY B 24 16.49 31.06 5.73
N GLY B 25 16.97 30.27 6.69
CA GLY B 25 17.81 30.78 7.76
C GLY B 25 17.11 31.59 8.84
N GLY B 26 15.79 31.45 9.00
CA GLY B 26 15.09 32.14 10.06
C GLY B 26 14.89 33.63 9.87
N SER B 27 15.17 34.16 8.68
CA SER B 27 15.02 35.57 8.37
C SER B 27 13.56 35.90 8.00
N PHE B 28 13.29 37.17 7.69
CA PHE B 28 12.00 37.52 7.14
C PHE B 28 11.87 36.96 5.73
N GLY B 29 10.78 36.24 5.49
CA GLY B 29 10.63 35.43 4.31
C GLY B 29 11.02 33.99 4.50
N SER B 30 11.64 33.66 5.62
CA SER B 30 11.93 32.27 5.92
C SER B 30 10.63 31.52 6.17
N VAL B 31 10.55 30.32 5.62
CA VAL B 31 9.38 29.46 5.70
C VAL B 31 9.71 28.31 6.62
N TYR B 32 8.82 28.03 7.55
CA TYR B 32 8.98 26.90 8.45
C TYR B 32 8.01 25.82 8.05
N ARG B 33 8.41 24.58 8.31
CA ARG B 33 7.45 23.48 8.37
C ARG B 33 7.01 23.36 9.83
N ALA B 34 5.70 23.27 10.03
CA ALA B 34 5.17 23.31 11.38
C ALA B 34 3.96 22.42 11.45
N LYS B 35 3.45 22.25 12.67
CA LYS B 35 2.20 21.56 12.92
C LYS B 35 1.20 22.51 13.55
N TRP B 36 0.02 22.59 12.97
CA TRP B 36 -1.09 23.35 13.53
C TRP B 36 -1.82 22.42 14.49
N ILE B 37 -1.71 22.72 15.79
CA ILE B 37 -2.02 21.73 16.83
C ILE B 37 -3.52 21.43 16.87
N SER B 38 -4.35 22.46 17.05
CA SER B 38 -5.78 22.20 17.18
C SER B 38 -6.40 21.57 15.94
N GLN B 39 -5.76 21.69 14.78
CA GLN B 39 -6.25 21.09 13.55
C GLN B 39 -5.57 19.78 13.25
N ASP B 40 -4.49 19.45 13.95
CA ASP B 40 -3.69 18.25 13.67
C ASP B 40 -3.28 18.21 12.20
N LYS B 41 -2.80 19.36 11.68
CA LYS B 41 -2.45 19.56 10.28
C LYS B 41 -1.01 20.02 10.20
N GLU B 42 -0.22 19.36 9.37
CA GLU B 42 1.08 19.90 8.99
C GLU B 42 0.88 21.15 8.14
N VAL B 43 1.71 22.18 8.37
CA VAL B 43 1.55 23.45 7.69
C VAL B 43 2.90 24.09 7.36
N ALA B 44 2.84 25.05 6.44
CA ALA B 44 3.96 25.94 6.18
C ALA B 44 3.67 27.29 6.81
N VAL B 45 4.70 27.93 7.36
CA VAL B 45 4.58 29.25 8.02
C VAL B 45 5.68 30.14 7.49
N LYS B 46 5.30 31.29 6.95
CA LYS B 46 6.27 32.29 6.53
C LYS B 46 6.28 33.42 7.54
N LYS B 47 7.47 33.73 8.07
CA LYS B 47 7.62 34.85 9.00
C LYS B 47 7.74 36.15 8.23
N LEU B 48 7.05 37.18 8.69
CA LEU B 48 7.05 38.48 8.03
C LEU B 48 7.36 39.57 9.03
N LEU B 49 7.98 40.64 8.52
CA LEU B 49 8.28 41.82 9.35
C LEU B 49 7.03 42.60 9.72
N LYS B 50 6.03 42.64 8.82
CA LYS B 50 4.79 43.35 9.08
C LYS B 50 3.73 42.83 8.12
N ILE B 51 2.48 42.88 8.56
CA ILE B 51 1.33 42.60 7.71
C ILE B 51 0.48 43.86 7.64
N GLU B 52 0.49 44.50 6.47
CA GLU B 52 -0.25 45.74 6.29
C GLU B 52 -1.72 45.43 5.97
N LYS B 53 -2.64 46.21 6.58
CA LYS B 53 -3.94 46.62 6.01
C LYS B 53 -4.19 46.07 4.59
N GLU B 54 -3.42 46.58 3.63
CA GLU B 54 -3.64 46.23 2.24
C GLU B 54 -3.52 44.73 2.01
N ALA B 55 -2.59 44.09 2.72
CA ALA B 55 -2.30 42.69 2.44
C ALA B 55 -3.49 41.77 2.71
N GLU B 56 -4.48 42.19 3.52
CA GLU B 56 -5.60 41.30 3.85
C GLU B 56 -6.29 40.75 2.60
N ILE B 57 -6.18 41.47 1.49
CA ILE B 57 -6.79 41.13 0.21
C ILE B 57 -6.39 39.72 -0.21
N LEU B 58 -5.14 39.37 0.06
CA LEU B 58 -4.59 38.12 -0.40
C LEU B 58 -5.27 36.93 0.23
N SER B 59 -5.90 37.09 1.40
N SER B 59 -5.90 37.09 1.40
CA SER B 59 -6.55 35.97 2.06
CA SER B 59 -6.56 35.96 2.06
C SER B 59 -7.76 35.45 1.29
C SER B 59 -7.73 35.42 1.26
N VAL B 60 -8.21 36.17 0.26
CA VAL B 60 -9.43 35.77 -0.45
C VAL B 60 -9.11 34.88 -1.64
N LEU B 61 -7.83 34.76 -2.01
CA LEU B 61 -7.41 33.94 -3.15
C LEU B 61 -7.52 32.45 -2.83
N SER B 62 -8.09 31.68 -3.76
CA SER B 62 -8.25 30.24 -3.53
C SER B 62 -8.43 29.54 -4.87
N HIS B 63 -7.63 28.49 -5.10
CA HIS B 63 -7.65 27.77 -6.36
C HIS B 63 -6.79 26.53 -6.18
N ARG B 64 -7.20 25.42 -6.81
CA ARG B 64 -6.51 24.15 -6.61
C ARG B 64 -5.05 24.20 -7.05
N ASN B 65 -4.65 25.16 -7.89
CA ASN B 65 -3.26 25.23 -8.31
C ASN B 65 -2.50 26.37 -7.65
N ILE B 66 -3.00 26.92 -6.53
CA ILE B 66 -2.20 27.81 -5.72
C ILE B 66 -2.25 27.36 -4.27
N ILE B 67 -1.18 27.68 -3.54
CA ILE B 67 -1.06 27.22 -2.16
C ILE B 67 -2.15 27.87 -1.33
N GLN B 68 -2.79 27.09 -0.45
CA GLN B 68 -4.01 27.53 0.22
C GLN B 68 -3.68 28.25 1.53
N PHE B 69 -4.11 29.49 1.64
CA PHE B 69 -3.97 30.26 2.88
C PHE B 69 -4.82 29.64 3.99
N TYR B 70 -4.23 29.49 5.18
CA TYR B 70 -4.98 29.02 6.35
C TYR B 70 -5.23 30.11 7.39
N GLY B 71 -4.31 31.05 7.59
CA GLY B 71 -4.50 32.06 8.62
C GLY B 71 -3.26 32.90 8.83
N VAL B 72 -3.44 33.98 9.58
CA VAL B 72 -2.36 34.92 9.90
C VAL B 72 -2.00 34.77 11.37
N ILE B 73 -0.70 34.82 11.66
CA ILE B 73 -0.20 35.00 13.02
C ILE B 73 0.00 36.49 13.23
N LEU B 74 -0.74 37.08 14.17
CA LEU B 74 -0.70 38.52 14.46
C LEU B 74 -0.35 38.68 15.94
N GLU B 75 0.93 38.61 16.26
CA GLU B 75 1.45 38.85 17.61
C GLU B 75 2.55 39.89 17.55
N PRO B 76 2.21 41.15 17.25
CA PRO B 76 3.24 42.18 17.07
C PRO B 76 4.27 42.13 18.19
N PRO B 77 5.57 42.17 17.85
CA PRO B 77 6.05 42.39 16.48
C PRO B 77 6.29 41.13 15.65
N ASN B 78 5.75 39.97 16.05
CA ASN B 78 5.93 38.73 15.30
C ASN B 78 4.72 38.56 14.39
N TYR B 79 4.97 38.49 13.08
CA TYR B 79 3.91 38.30 12.08
C TYR B 79 4.21 37.08 11.22
N GLY B 80 3.15 36.43 10.74
CA GLY B 80 3.31 35.22 9.97
C GLY B 80 2.08 34.89 9.15
N ILE B 81 2.28 34.04 8.14
CA ILE B 81 1.22 33.53 7.29
C ILE B 81 1.34 32.02 7.26
N VAL B 82 0.22 31.34 7.49
CA VAL B 82 0.16 29.90 7.52
C VAL B 82 -0.52 29.41 6.26
N THR B 83 0.06 28.41 5.60
CA THR B 83 -0.59 27.77 4.46
C THR B 83 -0.55 26.26 4.58
N GLU B 84 -1.29 25.59 3.70
CA GLU B 84 -1.13 24.15 3.54
C GLU B 84 0.32 23.83 3.23
N TYR B 85 0.69 22.59 3.53
CA TYR B 85 2.01 22.06 3.24
C TYR B 85 1.85 20.92 2.25
N ALA B 86 2.39 21.09 1.05
CA ALA B 86 2.29 20.09 -0.01
C ALA B 86 3.28 18.96 0.26
N SER B 87 2.74 17.74 0.35
CA SER B 87 3.45 16.57 0.88
C SER B 87 4.66 16.16 0.04
N LEU B 88 4.65 16.38 -1.29
CA LEU B 88 5.73 15.81 -2.09
C LEU B 88 6.83 16.82 -2.41
N GLY B 89 6.88 17.97 -1.72
CA GLY B 89 8.02 18.87 -1.88
C GLY B 89 7.93 19.77 -3.11
N SER B 90 9.08 20.35 -3.48
CA SER B 90 9.11 21.39 -4.50
C SER B 90 9.30 20.77 -5.88
N LEU B 91 8.81 21.49 -6.89
CA LEU B 91 9.02 21.04 -8.27
C LEU B 91 10.50 20.96 -8.60
N TYR B 92 11.27 21.96 -8.15
CA TYR B 92 12.72 22.00 -8.38
C TYR B 92 13.40 20.73 -7.91
N ASP B 93 13.17 20.34 -6.65
CA ASP B 93 13.83 19.15 -6.12
C ASP B 93 13.38 17.89 -6.85
N TYR B 94 12.10 17.82 -7.24
CA TYR B 94 11.62 16.63 -7.95
C TYR B 94 12.32 16.51 -9.30
N ILE B 95 12.41 17.62 -10.04
CA ILE B 95 12.96 17.61 -11.38
C ILE B 95 14.43 17.22 -11.34
N ASN B 96 15.17 17.74 -10.37
CA ASN B 96 16.61 17.48 -10.27
C ASN B 96 16.89 16.35 -9.29
N SER B 97 16.20 15.23 -9.51
CA SER B 97 16.36 14.01 -8.71
C SER B 97 16.15 12.84 -9.68
N ASN B 98 16.23 11.61 -9.18
CA ASN B 98 16.04 10.40 -10.01
C ASN B 98 14.54 10.15 -10.25
N ARG B 99 13.67 10.75 -9.44
CA ARG B 99 12.20 10.54 -9.55
C ARG B 99 11.59 11.22 -10.77
N SER B 100 12.32 12.11 -11.45
CA SER B 100 11.83 12.84 -12.65
C SER B 100 11.92 11.95 -13.89
N GLU B 101 12.52 10.77 -13.75
CA GLU B 101 12.66 9.82 -14.88
C GLU B 101 11.28 9.32 -15.30
N GLU B 102 10.33 9.32 -14.37
CA GLU B 102 8.96 8.84 -14.67
C GLU B 102 8.23 9.83 -15.56
N MET B 103 8.80 11.02 -15.77
CA MET B 103 8.06 12.04 -16.48
C MET B 103 7.97 11.70 -17.96
N ASP B 104 6.77 11.55 -18.47
CA ASP B 104 6.57 11.39 -19.89
C ASP B 104 5.74 12.58 -20.37
N MET B 105 5.34 12.53 -21.64
CA MET B 105 4.61 13.65 -22.21
C MET B 105 3.30 13.92 -21.47
N ASP B 106 2.57 12.87 -21.10
CA ASP B 106 1.31 13.06 -20.38
C ASP B 106 1.52 13.73 -19.02
N HIS B 107 2.55 13.31 -18.29
CA HIS B 107 2.92 13.95 -17.03
C HIS B 107 3.22 15.44 -17.24
N ILE B 108 4.02 15.75 -18.26
CA ILE B 108 4.44 17.13 -18.49
C ILE B 108 3.24 18.01 -18.85
N MET B 109 2.34 17.50 -19.70
CA MET B 109 1.15 18.28 -20.05
C MET B 109 0.24 18.53 -18.84
N THR B 110 -0.01 17.51 -18.01
CA THR B 110 -0.80 17.74 -16.80
C THR B 110 -0.18 18.83 -15.95
N TRP B 111 1.15 18.76 -15.77
CA TRP B 111 1.82 19.67 -14.85
C TRP B 111 1.96 21.08 -15.44
N ALA B 112 2.29 21.19 -16.74
CA ALA B 112 2.25 22.47 -17.43
C ALA B 112 0.89 23.12 -17.33
N THR B 113 -0.18 22.33 -17.48
CA THR B 113 -1.55 22.83 -17.38
C THR B 113 -1.86 23.29 -15.95
N ASP B 114 -1.43 22.52 -14.95
CA ASP B 114 -1.62 22.92 -13.55
C ASP B 114 -1.10 24.33 -13.33
N VAL B 115 0.16 24.57 -13.71
CA VAL B 115 0.76 25.86 -13.44
C VAL B 115 0.11 26.95 -14.29
N ALA B 116 -0.28 26.63 -15.53
CA ALA B 116 -0.91 27.64 -16.38
C ALA B 116 -2.26 28.06 -15.82
N LYS B 117 -3.04 27.09 -15.33
CA LYS B 117 -4.33 27.42 -14.71
C LYS B 117 -4.16 28.20 -13.42
N GLY B 118 -3.19 27.83 -12.59
CA GLY B 118 -2.94 28.62 -11.40
C GLY B 118 -2.61 30.06 -11.76
N MET B 119 -1.80 30.24 -12.81
CA MET B 119 -1.32 31.56 -13.19
C MET B 119 -2.44 32.36 -13.83
N HIS B 120 -3.24 31.69 -14.67
CA HIS B 120 -4.43 32.31 -15.23
C HIS B 120 -5.39 32.77 -14.12
N TYR B 121 -5.54 31.95 -13.07
CA TYR B 121 -6.39 32.36 -11.97
C TYR B 121 -5.85 33.62 -11.32
N LEU B 122 -4.55 33.65 -11.00
CA LEU B 122 -3.96 34.83 -10.37
C LEU B 122 -4.11 36.06 -11.25
N HIS B 123 -4.01 35.89 -12.58
CA HIS B 123 -4.05 37.04 -13.47
C HIS B 123 -5.47 37.55 -13.70
N MET B 124 -6.45 36.66 -13.81
CA MET B 124 -7.70 36.99 -14.51
C MET B 124 -8.97 36.66 -13.75
N GLU B 125 -8.95 35.65 -12.87
CA GLU B 125 -10.17 35.15 -12.26
C GLU B 125 -10.33 35.51 -10.80
N ALA B 126 -9.24 35.86 -10.12
CA ALA B 126 -9.26 36.14 -8.71
C ALA B 126 -9.98 37.46 -8.43
N PRO B 127 -10.39 37.71 -7.18
CA PRO B 127 -11.02 39.00 -6.87
C PRO B 127 -10.06 40.17 -7.06
N VAL B 128 -8.76 39.90 -7.10
CA VAL B 128 -7.76 40.93 -7.33
C VAL B 128 -6.74 40.36 -8.30
N LYS B 129 -6.24 41.21 -9.19
CA LYS B 129 -5.20 40.80 -10.13
C LYS B 129 -3.87 40.67 -9.39
N VAL B 130 -3.22 39.53 -9.57
CA VAL B 130 -1.93 39.29 -8.91
C VAL B 130 -0.92 38.96 -9.99
N ILE B 131 0.17 39.71 -10.01
CA ILE B 131 1.30 39.40 -10.86
C ILE B 131 2.39 38.85 -9.96
N HIS B 132 2.83 37.62 -10.24
CA HIS B 132 3.80 36.91 -9.36
C HIS B 132 5.19 37.58 -9.34
N ARG B 133 5.84 37.72 -10.50
CA ARG B 133 7.20 38.31 -10.63
C ARG B 133 8.30 37.41 -10.03
N ASP B 134 7.95 36.31 -9.38
CA ASP B 134 8.93 35.38 -8.82
C ASP B 134 8.53 33.93 -9.15
N LEU B 135 7.75 33.73 -10.20
CA LEU B 135 7.43 32.35 -10.56
C LEU B 135 8.71 31.60 -10.90
N LYS B 136 8.89 30.43 -10.29
CA LYS B 136 10.05 29.58 -10.58
C LYS B 136 9.76 28.20 -10.01
N SER B 137 10.61 27.23 -10.37
CA SER B 137 10.32 25.86 -10.00
C SER B 137 10.45 25.62 -8.51
N ARG B 138 11.33 26.38 -7.82
CA ARG B 138 11.38 26.31 -6.37
C ARG B 138 10.12 26.88 -5.71
N ASN B 139 9.31 27.64 -6.44
CA ASN B 139 8.07 28.21 -5.90
C ASN B 139 6.82 27.45 -6.35
N VAL B 140 6.97 26.26 -6.92
CA VAL B 140 5.85 25.38 -7.19
C VAL B 140 6.06 24.12 -6.36
N VAL B 141 5.02 23.68 -5.66
CA VAL B 141 5.14 22.47 -4.86
C VAL B 141 4.10 21.45 -5.34
N ILE B 142 4.29 20.21 -4.89
CA ILE B 142 3.57 19.05 -5.39
C ILE B 142 2.75 18.50 -4.25
N ALA B 143 1.43 18.50 -4.40
CA ALA B 143 0.59 17.93 -3.37
C ALA B 143 0.65 16.40 -3.43
N ALA B 144 0.08 15.78 -2.39
CA ALA B 144 0.11 14.32 -2.27
C ALA B 144 -0.44 13.63 -3.51
N ASP B 145 -1.43 14.23 -4.16
CA ASP B 145 -2.03 13.61 -5.33
C ASP B 145 -1.42 14.12 -6.62
N GLY B 146 -0.30 14.84 -6.56
CA GLY B 146 0.40 15.27 -7.75
C GLY B 146 -0.09 16.57 -8.35
N VAL B 147 -1.06 17.23 -7.73
CA VAL B 147 -1.50 18.56 -8.19
C VAL B 147 -0.42 19.57 -7.86
N LEU B 148 -0.02 20.40 -8.84
CA LEU B 148 0.98 21.43 -8.59
C LEU B 148 0.32 22.66 -7.99
N LYS B 149 1.02 23.30 -7.04
CA LYS B 149 0.50 24.48 -6.35
C LYS B 149 1.56 25.56 -6.34
N ILE B 150 1.20 26.73 -6.83
CA ILE B 150 2.10 27.88 -6.87
C ILE B 150 2.15 28.55 -5.50
N CYS B 151 3.36 28.81 -5.02
CA CYS B 151 3.62 29.53 -3.77
C CYS B 151 4.15 30.91 -4.05
N ASP B 152 4.07 31.77 -3.01
CA ASP B 152 4.77 33.04 -2.97
C ASP B 152 4.19 34.05 -3.95
N PHE B 153 2.90 33.92 -4.32
CA PHE B 153 2.34 34.78 -5.35
C PHE B 153 2.00 36.19 -4.84
N GLY B 154 1.83 36.36 -3.53
CA GLY B 154 1.54 37.69 -3.03
C GLY B 154 2.76 38.49 -2.62
N ALA B 155 3.95 37.90 -2.67
CA ALA B 155 5.10 38.53 -2.02
C ALA B 155 5.58 39.75 -2.79
N SER B 156 5.56 39.69 -4.12
CA SER B 156 6.15 40.78 -4.90
C SER B 156 5.39 42.09 -4.75
N ARG B 157 4.09 42.04 -4.46
CA ARG B 157 3.27 43.24 -4.47
C ARG B 157 2.94 43.70 -3.05
N PHE B 158 2.30 42.83 -2.28
CA PHE B 158 1.64 43.23 -1.04
C PHE B 158 2.55 43.18 0.18
N HIS B 159 3.70 42.51 0.08
CA HIS B 159 4.58 42.35 1.24
C HIS B 159 5.97 41.87 0.84
N ASN B 160 6.93 42.80 0.73
CA ASN B 160 8.28 42.47 0.29
C ASN B 160 9.28 42.39 1.44
N HIS B 161 8.81 41.88 2.59
CA HIS B 161 9.68 41.56 3.72
C HIS B 161 10.62 40.40 3.40
N THR B 162 10.27 39.61 2.39
CA THR B 162 10.78 38.26 2.16
C THR B 162 12.05 38.23 1.31
N THR B 163 12.03 38.87 0.14
CA THR B 163 12.94 38.67 -0.98
C THR B 163 14.30 38.03 -0.65
N HIS B 164 14.92 38.39 0.48
CA HIS B 164 16.25 37.87 0.78
C HIS B 164 16.41 37.82 2.28
N SER B 166 19.10 33.49 -1.67
CA SER B 166 19.43 34.93 -1.84
C SER B 166 18.82 35.44 -3.15
N LEU B 167 19.35 36.50 -3.71
CA LEU B 167 18.87 36.92 -5.04
C LEU B 167 20.00 36.61 -6.01
N VAL B 168 20.36 35.33 -6.15
CA VAL B 168 21.38 34.94 -7.16
C VAL B 168 20.90 33.68 -7.89
N GLY B 169 20.23 32.76 -7.21
CA GLY B 169 19.66 31.58 -7.90
C GLY B 169 18.26 31.83 -8.44
N THR B 170 17.90 33.08 -8.74
CA THR B 170 16.56 33.44 -9.27
C THR B 170 16.65 34.11 -10.65
N PHE B 171 17.78 34.72 -10.98
CA PHE B 171 17.98 35.40 -12.29
C PHE B 171 17.56 34.49 -13.47
N PRO B 172 17.83 33.16 -13.52
CA PRO B 172 17.42 32.36 -14.70
C PRO B 172 15.93 32.37 -15.00
N TRP B 173 15.07 32.57 -14.00
CA TRP B 173 13.62 32.58 -14.20
C TRP B 173 13.06 33.98 -14.38
N MET B 174 13.89 35.00 -14.27
CA MET B 174 13.42 36.38 -14.26
C MET B 174 13.36 36.96 -15.67
N ALA B 175 12.24 37.58 -16.00
CA ALA B 175 12.13 38.28 -17.29
C ALA B 175 13.08 39.48 -17.32
N PRO B 176 13.56 39.86 -18.51
CA PRO B 176 14.51 40.99 -18.61
C PRO B 176 14.05 42.26 -17.90
N GLU B 177 12.81 42.67 -18.16
CA GLU B 177 12.26 43.86 -17.54
C GLU B 177 12.28 43.79 -16.02
N VAL B 178 12.10 42.60 -15.46
CA VAL B 178 12.18 42.42 -14.01
C VAL B 178 13.62 42.61 -13.52
N ILE B 179 14.59 42.02 -14.23
CA ILE B 179 16.00 42.19 -13.87
C ILE B 179 16.38 43.66 -13.89
N GLN B 180 15.84 44.42 -14.83
CA GLN B 180 16.13 45.84 -14.97
C GLN B 180 15.25 46.72 -14.10
N SER B 181 14.51 46.14 -13.15
CA SER B 181 13.62 46.91 -12.25
C SER B 181 12.73 47.86 -13.04
N LEU B 182 12.33 47.46 -14.23
CA LEU B 182 11.38 48.21 -15.03
C LEU B 182 9.99 48.03 -14.42
N PRO B 183 8.98 48.76 -14.89
CA PRO B 183 7.61 48.41 -14.47
C PRO B 183 7.13 47.20 -15.26
N VAL B 184 6.49 46.28 -14.57
CA VAL B 184 6.22 44.98 -15.16
C VAL B 184 4.78 44.90 -15.61
N SER B 185 4.56 44.14 -16.68
CA SER B 185 3.23 43.71 -17.03
C SER B 185 3.05 42.28 -16.55
N GLU B 186 1.90 41.70 -16.87
CA GLU B 186 1.64 40.35 -16.41
C GLU B 186 2.40 39.29 -17.19
N THR B 187 2.91 39.60 -18.39
CA THR B 187 3.64 38.57 -19.12
C THR B 187 5.05 38.37 -18.60
N CYS B 188 5.52 39.13 -17.61
CA CYS B 188 6.73 38.70 -16.94
C CYS B 188 6.56 37.31 -16.33
N ASP B 189 5.34 36.97 -15.91
CA ASP B 189 5.09 35.62 -15.42
C ASP B 189 5.08 34.61 -16.55
N THR B 190 4.66 35.01 -17.75
CA THR B 190 4.74 34.12 -18.90
C THR B 190 6.19 33.72 -19.20
N TYR B 191 7.12 34.67 -19.11
CA TYR B 191 8.53 34.34 -19.31
C TYR B 191 8.99 33.28 -18.31
N SER B 192 8.71 33.51 -17.02
CA SER B 192 9.12 32.58 -15.97
C SER B 192 8.49 31.21 -16.19
N TYR B 193 7.23 31.19 -16.60
CA TYR B 193 6.55 29.94 -16.91
C TYR B 193 7.31 29.15 -17.99
N GLY B 194 7.75 29.83 -19.05
CA GLY B 194 8.54 29.14 -20.08
C GLY B 194 9.76 28.44 -19.50
N VAL B 195 10.47 29.09 -18.57
CA VAL B 195 11.62 28.45 -17.95
C VAL B 195 11.18 27.18 -17.22
N VAL B 196 10.06 27.27 -16.49
CA VAL B 196 9.58 26.09 -15.77
C VAL B 196 9.22 24.97 -16.74
N LEU B 197 8.57 25.30 -17.85
CA LEU B 197 8.31 24.31 -18.90
C LEU B 197 9.61 23.72 -19.46
N TRP B 198 10.60 24.59 -19.74
CA TRP B 198 11.92 24.13 -20.17
C TRP B 198 12.52 23.13 -19.18
N GLU B 199 12.36 23.41 -17.87
CA GLU B 199 12.89 22.54 -16.83
C GLU B 199 12.28 21.14 -16.90
N MET B 200 10.95 21.06 -16.99
CA MET B 200 10.28 19.76 -17.11
C MET B 200 10.74 19.04 -18.36
N LEU B 201 10.88 19.76 -19.48
CA LEU B 201 11.22 19.09 -20.73
C LEU B 201 12.64 18.54 -20.69
N THR B 202 13.58 19.29 -20.10
CA THR B 202 15.00 18.95 -20.12
C THR B 202 15.50 18.30 -18.84
N ARG B 203 14.78 18.46 -17.73
CA ARG B 203 15.27 18.04 -16.41
C ARG B 203 16.70 18.54 -16.18
N GLU B 204 16.93 19.80 -16.52
CA GLU B 204 18.19 20.48 -16.25
C GLU B 204 17.91 21.72 -15.41
N VAL B 205 18.90 22.10 -14.61
CA VAL B 205 18.93 23.36 -13.90
C VAL B 205 19.23 24.49 -14.89
N PRO B 206 18.37 25.50 -14.98
CA PRO B 206 18.59 26.57 -15.97
C PRO B 206 19.89 27.32 -15.69
N PHE B 207 20.68 27.50 -16.76
CA PHE B 207 21.99 28.16 -16.70
C PHE B 207 22.89 27.57 -15.63
N LYS B 208 22.83 26.25 -15.47
CA LYS B 208 23.59 25.55 -14.46
C LYS B 208 25.04 26.01 -14.41
N GLY B 209 25.51 26.35 -13.21
CA GLY B 209 26.91 26.66 -12.99
C GLY B 209 27.37 28.05 -13.40
N LEU B 210 26.48 28.94 -13.82
CA LEU B 210 26.86 30.32 -14.12
C LEU B 210 26.55 31.21 -12.92
N GLU B 211 27.41 32.19 -12.68
CA GLU B 211 27.12 33.17 -11.64
C GLU B 211 25.83 33.90 -11.98
N GLY B 212 25.00 34.16 -10.97
CA GLY B 212 23.76 34.89 -11.21
C GLY B 212 23.96 36.22 -11.94
N LEU B 213 25.06 36.91 -11.66
CA LEU B 213 25.35 38.16 -12.37
C LEU B 213 25.66 37.94 -13.84
N GLN B 214 26.34 36.83 -14.20
CA GLN B 214 26.52 36.52 -15.62
C GLN B 214 25.18 36.30 -16.32
N VAL B 215 24.26 35.59 -15.68
CA VAL B 215 22.96 35.31 -16.28
C VAL B 215 22.24 36.62 -16.57
N ALA B 216 22.12 37.48 -15.54
CA ALA B 216 21.41 38.74 -15.72
C ALA B 216 21.97 39.53 -16.89
N TRP B 217 23.30 39.64 -16.97
CA TRP B 217 23.92 40.36 -18.07
C TRP B 217 23.62 39.69 -19.41
N LEU B 218 23.76 38.36 -19.46
CA LEU B 218 23.51 37.63 -20.70
C LEU B 218 22.05 37.80 -21.15
N VAL B 219 21.12 37.69 -20.22
CA VAL B 219 19.71 37.76 -20.57
C VAL B 219 19.33 39.17 -21.01
N VAL B 220 19.81 40.18 -20.30
CA VAL B 220 19.34 41.55 -20.57
C VAL B 220 20.07 42.14 -21.78
N GLU B 221 21.40 42.00 -21.84
CA GLU B 221 22.19 42.73 -22.82
C GLU B 221 22.56 41.93 -24.06
N LYS B 222 22.48 40.61 -24.03
CA LYS B 222 22.77 39.80 -25.19
C LYS B 222 21.55 39.04 -25.68
N ASN B 223 20.40 39.20 -25.02
CA ASN B 223 19.19 38.47 -25.35
C ASN B 223 19.45 36.97 -25.36
N GLU B 224 20.32 36.53 -24.47
CA GLU B 224 20.55 35.10 -24.27
C GLU B 224 19.32 34.44 -23.68
N ARG B 225 18.96 33.28 -24.25
CA ARG B 225 17.87 32.44 -23.76
C ARG B 225 18.38 31.02 -23.58
N LEU B 226 17.66 30.24 -22.79
CA LEU B 226 18.06 28.86 -22.54
C LEU B 226 18.10 28.08 -23.84
N THR B 227 19.10 27.21 -23.97
CA THR B 227 19.23 26.39 -25.18
C THR B 227 18.07 25.39 -25.25
N ILE B 228 17.32 25.43 -26.35
CA ILE B 228 16.27 24.45 -26.63
C ILE B 228 16.87 23.38 -27.53
N PRO B 229 16.90 22.11 -27.11
CA PRO B 229 17.51 21.06 -27.94
C PRO B 229 16.88 20.98 -29.33
N SER B 230 17.73 20.66 -30.32
CA SER B 230 17.31 20.65 -31.71
C SER B 230 16.16 19.67 -31.97
N SER B 231 16.14 18.54 -31.25
CA SER B 231 15.11 17.53 -31.42
C SER B 231 13.91 17.72 -30.49
N CYS B 232 13.86 18.80 -29.70
CA CYS B 232 12.66 19.06 -28.90
C CYS B 232 11.50 19.31 -29.85
N PRO B 233 10.34 18.70 -29.62
CA PRO B 233 9.25 18.81 -30.60
C PRO B 233 8.91 20.26 -30.86
N ARG B 234 8.55 20.53 -32.11
CA ARG B 234 8.39 21.90 -32.57
C ARG B 234 7.34 22.66 -31.77
N SER B 235 6.25 22.00 -31.36
CA SER B 235 5.21 22.74 -30.65
C SER B 235 5.74 23.25 -29.31
N PHE B 236 6.51 22.42 -28.60
CA PHE B 236 7.09 22.88 -27.34
C PHE B 236 8.09 24.00 -27.58
N ALA B 237 8.97 23.85 -28.59
CA ALA B 237 9.98 24.86 -28.83
C ALA B 237 9.35 26.20 -29.17
N GLU B 238 8.33 26.19 -30.02
CA GLU B 238 7.62 27.40 -30.40
C GLU B 238 7.02 28.10 -29.19
N LEU B 239 6.39 27.33 -28.30
CA LEU B 239 5.80 27.91 -27.08
C LEU B 239 6.88 28.54 -26.24
N LEU B 240 7.98 27.81 -26.01
CA LEU B 240 9.10 28.36 -25.25
C LEU B 240 9.59 29.68 -25.86
N HIS B 241 9.77 29.71 -27.18
CA HIS B 241 10.22 30.93 -27.83
C HIS B 241 9.21 32.06 -27.67
N GLN B 242 7.91 31.74 -27.72
CA GLN B 242 6.88 32.76 -27.52
C GLN B 242 6.95 33.33 -26.10
N CYS B 243 7.20 32.46 -25.11
CA CYS B 243 7.26 32.91 -23.72
C CYS B 243 8.45 33.82 -23.47
N TRP B 244 9.53 33.64 -24.23
CA TRP B 244 10.80 34.26 -23.91
C TRP B 244 11.10 35.51 -24.73
N GLU B 245 10.11 36.00 -25.47
CA GLU B 245 10.27 37.20 -26.28
C GLU B 245 10.75 38.36 -25.40
N ALA B 246 11.74 39.10 -25.92
CA ALA B 246 12.23 40.28 -25.20
C ALA B 246 11.14 41.35 -25.09
N ASP B 247 10.34 41.51 -26.14
CA ASP B 247 9.19 42.40 -26.10
C ASP B 247 8.05 41.72 -25.34
N ALA B 248 7.81 42.16 -24.10
CA ALA B 248 6.80 41.51 -23.27
C ALA B 248 5.44 41.43 -23.94
N LYS B 249 5.06 42.44 -24.74
CA LYS B 249 3.73 42.39 -25.34
C LYS B 249 3.60 41.28 -26.36
N LYS B 250 4.69 40.63 -26.75
CA LYS B 250 4.60 39.54 -27.71
C LYS B 250 4.44 38.17 -27.05
N ARG B 251 4.51 38.10 -25.73
CA ARG B 251 4.34 36.83 -25.03
C ARG B 251 2.86 36.50 -24.91
N PRO B 252 2.51 35.21 -25.01
CA PRO B 252 1.11 34.83 -24.83
C PRO B 252 0.64 35.09 -23.41
N SER B 253 -0.65 35.38 -23.29
CA SER B 253 -1.30 35.36 -22.00
C SER B 253 -1.48 33.91 -21.55
N PHE B 254 -1.78 33.74 -20.25
CA PHE B 254 -1.97 32.38 -19.77
C PHE B 254 -3.24 31.75 -20.33
N LYS B 255 -4.25 32.56 -20.67
CA LYS B 255 -5.39 31.97 -21.35
C LYS B 255 -5.00 31.44 -22.73
N GLN B 256 -4.09 32.13 -23.43
CA GLN B 256 -3.61 31.62 -24.72
C GLN B 256 -2.73 30.39 -24.51
N ILE B 257 -1.94 30.38 -23.43
CA ILE B 257 -1.12 29.20 -23.12
C ILE B 257 -2.02 27.99 -22.92
N ILE B 258 -3.09 28.13 -22.15
CA ILE B 258 -4.00 27.01 -21.92
C ILE B 258 -4.61 26.52 -23.23
N SER B 259 -4.97 27.47 -24.10
CA SER B 259 -5.49 27.11 -25.43
C SER B 259 -4.43 26.38 -26.26
N ILE B 260 -3.18 26.85 -26.18
CA ILE B 260 -2.08 26.17 -26.88
C ILE B 260 -1.88 24.77 -26.32
N LEU B 261 -1.89 24.63 -24.99
CA LEU B 261 -1.70 23.31 -24.38
C LEU B 261 -2.82 22.36 -24.76
N GLU B 262 -4.06 22.88 -24.76
CA GLU B 262 -5.21 22.09 -25.20
C GLU B 262 -5.00 21.57 -26.62
N SER B 263 -4.54 22.45 -27.52
CA SER B 263 -4.29 22.06 -28.89
C SER B 263 -3.21 20.99 -28.98
N MET B 264 -2.15 21.11 -28.15
CA MET B 264 -1.09 20.10 -28.18
C MET B 264 -1.59 18.73 -27.71
N SER B 265 -2.41 18.69 -26.65
CA SER B 265 -2.85 17.37 -26.23
C SER B 265 -3.85 16.75 -27.20
N ASN B 266 -4.39 17.54 -28.14
CA ASN B 266 -5.22 17.05 -29.25
C ASN B 266 -4.40 16.75 -30.51
N ASP B 267 -3.09 16.83 -30.43
CA ASP B 267 -2.17 16.46 -31.52
C ASP B 267 -1.73 15.02 -31.25
N THR B 268 -2.29 14.07 -32.02
CA THR B 268 -2.00 12.65 -31.78
C THR B 268 -0.56 12.28 -32.12
N SER B 269 0.13 13.07 -32.93
CA SER B 269 1.53 12.79 -33.19
C SER B 269 2.44 13.24 -32.06
N LEU B 270 2.01 14.23 -31.26
CA LEU B 270 2.91 14.80 -30.27
C LEU B 270 3.41 13.80 -29.23
N PRO B 271 2.59 12.91 -28.65
CA PRO B 271 3.13 12.04 -27.59
C PRO B 271 4.35 11.24 -28.04
N ASP B 272 4.29 10.61 -29.21
CA ASP B 272 5.44 9.82 -29.64
C ASP B 272 6.66 10.70 -29.83
N LYS B 273 6.49 11.87 -30.47
CA LYS B 273 7.62 12.77 -30.68
C LYS B 273 8.23 13.22 -29.35
N CYS B 274 7.38 13.58 -28.38
CA CYS B 274 7.86 14.06 -27.08
C CYS B 274 8.54 12.94 -26.29
N ASN B 275 7.89 11.78 -26.18
CA ASN B 275 8.48 10.70 -25.39
C ASN B 275 9.79 10.21 -26.00
N SER B 276 9.86 10.17 -27.33
CA SER B 276 11.14 9.80 -27.97
C SER B 276 12.22 10.81 -27.61
N PHE B 277 11.87 12.10 -27.61
CA PHE B 277 12.79 13.16 -27.20
C PHE B 277 13.26 12.99 -25.76
N LEU B 278 12.30 12.79 -24.82
CA LEU B 278 12.66 12.69 -23.39
C LEU B 278 13.53 11.47 -23.13
N HIS B 279 13.28 10.38 -23.84
CA HIS B 279 14.06 9.17 -23.64
C HIS B 279 15.45 9.25 -24.26
N ASN B 280 15.75 10.32 -25.00
CA ASN B 280 16.97 10.44 -25.77
C ASN B 280 17.89 11.52 -25.21
N LYS B 281 17.77 11.82 -23.90
CA LYS B 281 18.57 12.89 -23.31
C LYS B 281 20.06 12.66 -23.49
N ALA B 282 20.53 11.40 -23.45
CA ALA B 282 21.96 11.16 -23.58
C ALA B 282 22.51 11.74 -24.87
N GLU B 283 21.65 11.88 -25.89
CA GLU B 283 22.06 12.42 -27.18
C GLU B 283 22.03 13.94 -27.24
N TRP B 284 20.97 14.60 -26.74
CA TRP B 284 20.83 16.04 -26.95
C TRP B 284 21.32 16.91 -25.79
N ARG B 285 21.66 16.32 -24.64
CA ARG B 285 22.01 17.13 -23.48
C ARG B 285 23.28 17.95 -23.71
N CYS B 286 24.19 17.45 -24.56
CA CYS B 286 25.41 18.20 -24.84
C CYS B 286 25.13 19.52 -25.56
N GLU B 287 23.99 19.68 -26.22
CA GLU B 287 23.68 21.00 -26.76
C GLU B 287 23.53 22.01 -25.63
N ILE B 288 22.98 21.56 -24.50
CA ILE B 288 22.89 22.40 -23.30
C ILE B 288 24.29 22.64 -22.74
N GLU B 289 24.98 21.54 -22.40
CA GLU B 289 26.27 21.61 -21.71
C GLU B 289 27.34 22.36 -22.53
N ALA B 290 27.27 22.30 -23.86
CA ALA B 290 28.26 23.00 -24.67
C ALA B 290 28.02 24.50 -24.66
N THR B 291 26.76 24.93 -24.79
CA THR B 291 26.44 26.35 -24.63
C THR B 291 26.98 26.87 -23.31
N LEU B 292 26.76 26.11 -22.24
CA LEU B 292 27.21 26.52 -20.91
C LEU B 292 28.72 26.66 -20.87
N GLU B 293 29.45 25.72 -21.48
CA GLU B 293 30.90 25.82 -21.55
C GLU B 293 31.33 27.10 -22.24
N ARG B 294 30.72 27.41 -23.37
CA ARG B 294 31.10 28.60 -24.12
C ARG B 294 30.69 29.88 -23.38
N LEU B 295 29.58 29.86 -22.65
CA LEU B 295 29.22 31.03 -21.85
C LEU B 295 30.18 31.20 -20.68
N LYS B 296 30.64 30.09 -20.10
CA LYS B 296 31.62 30.17 -19.01
C LYS B 296 32.93 30.78 -19.49
N LYS B 297 33.38 30.38 -20.70
CA LYS B 297 34.64 30.88 -21.24
C LYS B 297 34.54 32.32 -21.72
N LEU B 298 33.36 32.76 -22.20
CA LEU B 298 33.19 34.16 -22.56
C LEU B 298 33.51 35.06 -21.37
N GLU B 299 33.20 34.60 -20.16
CA GLU B 299 33.45 35.35 -18.94
C GLU B 299 34.68 34.84 -18.20
N ARG B 300 35.54 34.11 -18.89
CA ARG B 300 36.78 33.60 -18.32
C ARG B 300 37.99 34.16 -19.08
N PHE C 9 3.25 -5.68 -0.80
CA PHE C 9 2.16 -4.75 -0.45
C PHE C 9 2.59 -3.79 0.62
N VAL C 10 2.40 -2.50 0.39
CA VAL C 10 2.60 -1.54 1.48
C VAL C 10 1.54 -1.81 2.53
N GLN C 11 2.01 -2.01 3.74
CA GLN C 11 1.20 -2.53 4.83
C GLN C 11 1.21 -1.49 5.93
N ILE C 12 0.03 -1.18 6.46
CA ILE C 12 -0.12 -0.34 7.64
C ILE C 12 -0.59 -1.21 8.78
N LYS C 13 0.00 -1.00 9.95
CA LYS C 13 -0.34 -1.82 11.09
C LYS C 13 -1.57 -1.28 11.81
N PHE C 14 -2.27 -2.17 12.49
CA PHE C 14 -3.47 -1.78 13.22
C PHE C 14 -3.16 -0.76 14.31
N ASP C 15 -2.00 -0.91 14.97
CA ASP C 15 -1.62 0.04 16.02
C ASP C 15 -1.19 1.37 15.47
N ASP C 16 -1.02 1.50 14.16
CA ASP C 16 -0.68 2.78 13.55
C ASP C 16 -1.91 3.62 13.23
N LEU C 17 -3.09 3.21 13.69
CA LEU C 17 -4.34 3.87 13.34
C LEU C 17 -5.14 4.18 14.58
N GLN C 18 -5.64 5.42 14.65
CA GLN C 18 -6.59 5.85 15.68
C GLN C 18 -7.91 6.11 14.97
N PHE C 19 -8.98 5.43 15.42
CA PHE C 19 -10.02 4.97 14.50
C PHE C 19 -11.29 5.80 14.39
N PHE C 20 -11.57 6.75 15.29
CA PHE C 20 -12.77 7.61 15.22
C PHE C 20 -14.06 7.00 14.66
N GLU C 21 -14.96 7.84 14.11
CA GLU C 21 -16.34 7.43 13.87
C GLU C 21 -16.45 6.50 12.67
N ASN C 22 -17.49 5.67 12.71
CA ASN C 22 -17.66 4.65 11.71
C ASN C 22 -18.97 4.82 10.97
N CYS C 23 -18.95 4.42 9.70
CA CYS C 23 -20.08 4.55 8.80
C CYS C 23 -20.44 3.16 8.25
N GLY C 24 -21.54 2.60 8.72
CA GLY C 24 -21.96 1.28 8.29
C GLY C 24 -22.21 0.28 9.41
N GLY C 25 -21.90 0.68 10.64
CA GLY C 25 -22.25 -0.12 11.81
C GLY C 25 -21.20 -1.11 12.30
N GLY C 26 -19.93 -0.90 11.97
CA GLY C 26 -18.89 -1.83 12.35
C GLY C 26 -18.89 -3.14 11.61
N SER C 27 -19.81 -3.32 10.66
CA SER C 27 -19.93 -4.56 9.91
C SER C 27 -18.78 -4.68 8.92
N PHE C 28 -18.80 -5.75 8.12
CA PHE C 28 -17.84 -5.87 7.02
C PHE C 28 -18.30 -4.98 5.87
N GLY C 29 -17.36 -4.22 5.32
CA GLY C 29 -17.65 -3.21 4.35
C GLY C 29 -17.82 -1.82 4.93
N SER C 30 -17.70 -1.69 6.24
CA SER C 30 -17.88 -0.40 6.89
C SER C 30 -16.58 0.40 6.91
N VAL C 31 -16.71 1.71 6.72
CA VAL C 31 -15.62 2.64 6.59
C VAL C 31 -15.49 3.46 7.88
N TYR C 32 -14.27 3.52 8.43
CA TYR C 32 -13.98 4.42 9.53
C TYR C 32 -13.19 5.62 9.03
N ARG C 33 -13.47 6.79 9.57
CA ARG C 33 -12.54 7.90 9.51
C ARG C 33 -11.46 7.65 10.57
N ALA C 34 -10.20 7.88 10.23
CA ALA C 34 -9.17 7.57 11.22
C ALA C 34 -7.95 8.46 11.02
N LYS C 35 -7.05 8.35 11.97
CA LYS C 35 -5.75 8.99 11.89
C LYS C 35 -4.67 7.93 11.71
N TRP C 36 -3.93 8.03 10.62
CA TRP C 36 -2.69 7.28 10.41
C TRP C 36 -1.59 7.96 11.21
N ILE C 37 -1.14 7.31 12.27
CA ILE C 37 -0.34 8.03 13.27
C ILE C 37 1.06 8.34 12.75
N SER C 38 1.75 7.35 12.17
CA SER C 38 3.12 7.57 11.71
C SER C 38 3.22 8.60 10.59
N GLN C 39 2.14 8.82 9.85
CA GLN C 39 2.10 9.83 8.80
C GLN C 39 1.34 11.08 9.20
N ASP C 40 0.77 11.12 10.42
CA ASP C 40 -0.04 12.25 10.89
C ASP C 40 -1.09 12.64 9.86
N LYS C 41 -1.83 11.65 9.36
CA LYS C 41 -2.70 11.90 8.22
C LYS C 41 -4.07 11.27 8.51
N GLU C 42 -5.12 12.03 8.21
CA GLU C 42 -6.49 11.57 8.30
C GLU C 42 -6.77 10.58 7.17
N VAL C 43 -7.40 9.45 7.48
CA VAL C 43 -7.56 8.39 6.49
C VAL C 43 -8.92 7.73 6.65
N ALA C 44 -9.31 7.03 5.61
CA ALA C 44 -10.48 6.16 5.63
C ALA C 44 -10.01 4.73 5.75
N VAL C 45 -10.64 3.96 6.63
CA VAL C 45 -10.28 2.56 6.78
C VAL C 45 -11.53 1.74 6.50
N LYS C 46 -11.42 0.83 5.55
CA LYS C 46 -12.53 -0.10 5.29
C LYS C 46 -12.15 -1.46 5.91
N LYS C 47 -12.93 -1.91 6.90
CA LYS C 47 -12.70 -3.24 7.51
C LYS C 47 -13.27 -4.32 6.59
N LEU C 48 -12.46 -5.34 6.30
CA LEU C 48 -12.88 -6.40 5.35
C LEU C 48 -12.69 -7.80 5.96
N LEU C 49 -13.52 -8.75 5.58
CA LEU C 49 -13.37 -10.16 6.05
C LEU C 49 -12.10 -10.75 5.43
N LYS C 50 -11.76 -10.28 4.24
CA LYS C 50 -10.57 -10.80 3.54
C LYS C 50 -10.13 -9.86 2.43
N ILE C 51 -8.93 -10.06 1.93
CA ILE C 51 -8.45 -9.35 0.75
C ILE C 51 -8.52 -10.33 -0.41
N GLU C 52 -9.37 -10.08 -1.39
CA GLU C 52 -9.52 -11.06 -2.50
C GLU C 52 -8.31 -11.06 -3.46
N LYS C 53 -8.18 -12.06 -4.32
CA LYS C 53 -6.97 -12.14 -5.18
C LYS C 53 -7.26 -11.28 -6.40
N GLU C 54 -8.49 -11.41 -6.94
CA GLU C 54 -8.91 -10.49 -8.03
C GLU C 54 -8.67 -9.15 -7.41
N ALA C 55 -8.76 -9.06 -6.06
CA ALA C 55 -8.46 -7.87 -5.27
C ALA C 55 -6.99 -7.57 -4.96
N GLU C 56 -6.17 -7.25 -5.94
CA GLU C 56 -4.80 -6.83 -5.57
C GLU C 56 -4.33 -5.72 -6.49
N ILE C 57 -4.71 -5.79 -7.78
CA ILE C 57 -4.20 -4.84 -8.78
C ILE C 57 -4.60 -3.39 -8.47
N LEU C 58 -5.73 -3.14 -7.81
CA LEU C 58 -6.04 -1.73 -7.56
C LEU C 58 -5.11 -1.07 -6.56
N SER C 59 -4.22 -1.82 -5.90
N SER C 59 -4.23 -1.83 -5.89
CA SER C 59 -3.22 -1.19 -5.06
CA SER C 59 -3.23 -1.20 -5.04
C SER C 59 -2.31 -0.28 -5.87
C SER C 59 -2.21 -0.40 -5.84
N VAL C 60 -2.10 -0.59 -7.16
CA VAL C 60 -1.20 0.23 -7.97
C VAL C 60 -1.91 1.35 -8.73
N LEU C 61 -3.22 1.45 -8.65
CA LEU C 61 -3.91 2.52 -9.37
C LEU C 61 -3.62 3.86 -8.70
N SER C 62 -3.44 4.90 -9.52
CA SER C 62 -3.16 6.21 -8.96
C SER C 62 -3.57 7.28 -9.97
N HIS C 63 -4.37 8.25 -9.52
CA HIS C 63 -4.90 9.32 -10.35
C HIS C 63 -5.49 10.35 -9.40
N ARG C 64 -5.32 11.64 -9.73
CA ARG C 64 -5.82 12.67 -8.81
C ARG C 64 -7.34 12.63 -8.64
N ASN C 65 -8.08 12.00 -9.56
CA ASN C 65 -9.53 11.96 -9.45
C ASN C 65 -10.06 10.60 -8.96
N ILE C 66 -9.19 9.77 -8.40
CA ILE C 66 -9.66 8.58 -7.70
C ILE C 66 -9.00 8.54 -6.32
N ILE C 67 -9.75 8.00 -5.36
CA ILE C 67 -9.26 7.98 -3.98
C ILE C 67 -7.99 7.15 -3.90
N GLN C 68 -7.01 7.66 -3.18
CA GLN C 68 -5.65 7.12 -3.24
C GLN C 68 -5.45 6.03 -2.19
N PHE C 69 -5.04 4.85 -2.65
CA PHE C 69 -4.63 3.75 -1.80
C PHE C 69 -3.38 4.09 -0.98
N TYR C 70 -3.46 3.87 0.33
CA TYR C 70 -2.30 4.02 1.21
C TYR C 70 -1.70 2.70 1.69
N GLY C 71 -2.51 1.67 1.92
CA GLY C 71 -1.96 0.42 2.40
C GLY C 71 -3.04 -0.54 2.85
N VAL C 72 -2.65 -1.79 3.03
CA VAL C 72 -3.53 -2.80 3.58
C VAL C 72 -3.17 -3.07 5.03
N ILE C 73 -4.20 -3.40 5.80
CA ILE C 73 -4.05 -4.00 7.12
C ILE C 73 -4.13 -5.52 6.95
N LEU C 74 -3.05 -6.21 7.32
CA LEU C 74 -2.95 -7.67 7.13
C LEU C 74 -2.59 -8.30 8.47
N GLU C 75 -3.57 -8.37 9.37
CA GLU C 75 -3.38 -8.91 10.71
C GLU C 75 -4.54 -9.84 11.05
N PRO C 76 -4.51 -11.07 10.54
CA PRO C 76 -5.65 -11.99 10.72
C PRO C 76 -6.10 -12.07 12.17
N PRO C 77 -7.42 -12.18 12.42
CA PRO C 77 -8.49 -12.32 11.44
C PRO C 77 -9.05 -10.99 10.89
N ASN C 78 -8.28 -9.91 11.01
CA ASN C 78 -8.75 -8.59 10.63
C ASN C 78 -7.91 -8.02 9.50
N TYR C 79 -8.58 -7.71 8.40
CA TYR C 79 -7.96 -7.13 7.21
C TYR C 79 -8.62 -5.78 6.93
N GLY C 80 -7.94 -4.95 6.17
CA GLY C 80 -8.48 -3.64 5.90
C GLY C 80 -7.76 -2.96 4.77
N ILE C 81 -8.42 -1.96 4.20
CA ILE C 81 -7.81 -1.11 3.19
C ILE C 81 -7.84 0.32 3.68
N VAL C 82 -6.68 0.97 3.68
CA VAL C 82 -6.52 2.36 4.09
C VAL C 82 -6.39 3.26 2.85
N THR C 83 -7.21 4.30 2.77
CA THR C 83 -7.09 5.28 1.68
C THR C 83 -7.01 6.69 2.25
N GLU C 84 -6.72 7.65 1.38
CA GLU C 84 -6.83 9.05 1.74
C GLU C 84 -8.26 9.38 2.16
N TYR C 85 -8.39 10.40 2.99
CA TYR C 85 -9.68 10.90 3.42
C TYR C 85 -9.86 12.29 2.81
N ALA C 86 -10.90 12.47 2.03
CA ALA C 86 -11.15 13.78 1.43
C ALA C 86 -11.90 14.66 2.40
N SER C 87 -11.34 15.83 2.70
CA SER C 87 -11.71 16.62 3.87
C SER C 87 -13.14 17.15 3.80
N LEU C 88 -13.65 17.43 2.60
CA LEU C 88 -14.92 18.15 2.48
C LEU C 88 -16.12 17.23 2.27
N GLY C 89 -15.92 15.93 2.46
CA GLY C 89 -17.04 15.01 2.56
C GLY C 89 -17.52 14.53 1.19
N SER C 90 -18.68 13.92 1.20
CA SER C 90 -19.20 13.31 -0.02
C SER C 90 -19.89 14.35 -0.90
N LEU C 91 -19.79 14.14 -2.21
CA LEU C 91 -20.50 14.99 -3.16
C LEU C 91 -22.00 14.98 -2.89
N TYR C 92 -22.55 13.81 -2.54
CA TYR C 92 -23.99 13.73 -2.26
C TYR C 92 -24.37 14.67 -1.11
N ASP C 93 -23.60 14.65 -0.02
CA ASP C 93 -23.95 15.48 1.13
C ASP C 93 -23.79 16.95 0.80
N TYR C 94 -22.80 17.27 -0.03
CA TYR C 94 -22.60 18.64 -0.46
C TYR C 94 -23.78 19.12 -1.29
N ILE C 95 -24.17 18.34 -2.30
CA ILE C 95 -25.24 18.77 -3.22
C ILE C 95 -26.52 19.04 -2.44
N ASN C 96 -26.92 18.09 -1.61
CA ASN C 96 -28.17 18.23 -0.86
C ASN C 96 -27.93 18.95 0.45
N SER C 97 -27.30 20.12 0.37
CA SER C 97 -27.14 20.99 1.51
C SER C 97 -27.20 22.42 1.03
N ASN C 98 -27.13 23.36 1.96
CA ASN C 98 -27.16 24.77 1.57
C ASN C 98 -25.87 25.21 0.89
N ARG C 99 -24.74 24.54 1.15
CA ARG C 99 -23.50 25.10 0.63
C ARG C 99 -23.37 24.90 -0.89
N SER C 100 -24.17 24.02 -1.49
CA SER C 100 -24.10 23.82 -2.94
C SER C 100 -24.69 25.00 -3.71
N GLU C 101 -25.34 25.95 -3.03
CA GLU C 101 -25.91 27.11 -3.71
C GLU C 101 -24.84 27.96 -4.38
N GLU C 102 -23.57 27.81 -3.97
CA GLU C 102 -22.45 28.52 -4.56
C GLU C 102 -22.05 28.02 -5.95
N MET C 103 -22.66 26.94 -6.44
CA MET C 103 -22.20 26.31 -7.68
C MET C 103 -22.61 27.18 -8.86
N ASP C 104 -21.66 27.58 -9.69
CA ASP C 104 -22.02 28.25 -10.92
C ASP C 104 -21.63 27.34 -12.08
N MET C 105 -21.63 27.89 -13.29
CA MET C 105 -21.30 27.06 -14.44
C MET C 105 -19.87 26.53 -14.33
N ASP C 106 -18.92 27.41 -14.04
CA ASP C 106 -17.52 27.01 -14.00
C ASP C 106 -17.29 25.92 -12.96
N HIS C 107 -17.93 26.04 -11.81
CA HIS C 107 -17.83 25.02 -10.77
C HIS C 107 -18.30 23.65 -11.29
N ILE C 108 -19.46 23.60 -11.93
CA ILE C 108 -20.03 22.34 -12.42
C ILE C 108 -19.12 21.76 -13.50
N MET C 109 -18.65 22.61 -14.41
CA MET C 109 -17.73 22.20 -15.48
C MET C 109 -16.48 21.53 -14.90
N THR C 110 -15.88 22.17 -13.89
CA THR C 110 -14.68 21.64 -13.24
C THR C 110 -14.97 20.29 -12.62
N TRP C 111 -16.04 20.20 -11.83
CA TRP C 111 -16.38 18.94 -11.18
C TRP C 111 -16.80 17.88 -12.19
N ALA C 112 -17.54 18.27 -13.23
CA ALA C 112 -17.92 17.31 -14.24
C ALA C 112 -16.70 16.75 -14.94
N THR C 113 -15.69 17.60 -15.14
CA THR C 113 -14.45 17.17 -15.76
C THR C 113 -13.65 16.29 -14.81
N ASP C 114 -13.59 16.64 -13.52
CA ASP C 114 -12.88 15.81 -12.54
C ASP C 114 -13.36 14.36 -12.60
N VAL C 115 -14.68 14.16 -12.52
CA VAL C 115 -15.20 12.80 -12.48
C VAL C 115 -14.93 12.10 -13.81
N ALA C 116 -15.12 12.81 -14.93
CA ALA C 116 -14.90 12.20 -16.23
C ALA C 116 -13.46 11.78 -16.40
N LYS C 117 -12.53 12.50 -15.78
CA LYS C 117 -11.12 12.15 -15.92
C LYS C 117 -10.76 10.95 -15.04
N GLY C 118 -11.28 10.91 -13.82
CA GLY C 118 -11.11 9.73 -13.00
C GLY C 118 -11.68 8.48 -13.67
N MET C 119 -12.89 8.60 -14.23
CA MET C 119 -13.50 7.44 -14.88
C MET C 119 -12.74 7.05 -16.14
N HIS C 120 -12.23 8.03 -16.89
CA HIS C 120 -11.43 7.70 -18.08
C HIS C 120 -10.16 6.98 -17.69
N TYR C 121 -9.51 7.42 -16.60
CA TYR C 121 -8.35 6.70 -16.11
C TYR C 121 -8.70 5.26 -15.78
N LEU C 122 -9.80 5.06 -15.05
CA LEU C 122 -10.18 3.70 -14.67
C LEU C 122 -10.49 2.85 -15.90
N HIS C 123 -11.18 3.43 -16.88
CA HIS C 123 -11.59 2.66 -18.04
C HIS C 123 -10.40 2.33 -18.94
N MET C 124 -9.44 3.26 -19.07
CA MET C 124 -8.53 3.21 -20.21
C MET C 124 -7.06 3.33 -19.87
N GLU C 125 -6.66 3.89 -18.73
CA GLU C 125 -5.24 4.23 -18.54
C GLU C 125 -4.53 3.38 -17.50
N ALA C 126 -5.20 2.49 -16.85
CA ALA C 126 -4.65 1.67 -15.78
C ALA C 126 -4.19 0.32 -16.33
N PRO C 127 -3.40 -0.45 -15.58
CA PRO C 127 -2.89 -1.73 -16.13
C PRO C 127 -3.97 -2.74 -16.44
N VAL C 128 -5.17 -2.49 -15.96
CA VAL C 128 -6.31 -3.37 -16.16
C VAL C 128 -7.53 -2.46 -16.37
N LYS C 129 -8.48 -2.91 -17.19
CA LYS C 129 -9.70 -2.12 -17.34
C LYS C 129 -10.53 -2.23 -16.08
N VAL C 130 -10.92 -1.10 -15.50
CA VAL C 130 -11.72 -1.12 -14.28
C VAL C 130 -13.07 -0.50 -14.61
N ILE C 131 -14.12 -1.32 -14.55
CA ILE C 131 -15.49 -0.86 -14.68
C ILE C 131 -16.04 -0.71 -13.27
N HIS C 132 -16.54 0.48 -12.93
CA HIS C 132 -16.96 0.75 -11.56
C HIS C 132 -18.23 -0.04 -11.21
N ARG C 133 -19.31 0.16 -11.97
CA ARG C 133 -20.64 -0.46 -11.82
C ARG C 133 -21.42 0.18 -10.67
N ASP C 134 -20.82 1.00 -9.82
CA ASP C 134 -21.54 1.60 -8.69
C ASP C 134 -21.15 3.06 -8.53
N LEU C 135 -20.85 3.73 -9.64
CA LEU C 135 -20.60 5.17 -9.57
C LEU C 135 -21.88 5.87 -9.13
N LYS C 136 -21.76 6.79 -8.16
CA LYS C 136 -22.90 7.56 -7.67
C LYS C 136 -22.34 8.70 -6.84
N SER C 137 -23.21 9.66 -6.50
CA SER C 137 -22.74 10.86 -5.82
C SER C 137 -22.22 10.56 -4.42
N ARG C 138 -22.68 9.49 -3.79
CA ARG C 138 -22.15 9.09 -2.49
C ARG C 138 -20.77 8.47 -2.61
N ASN C 139 -20.38 8.09 -3.83
CA ASN C 139 -19.09 7.48 -4.11
C ASN C 139 -18.10 8.48 -4.66
N VAL C 140 -18.44 9.77 -4.62
CA VAL C 140 -17.52 10.83 -5.01
C VAL C 140 -17.32 11.70 -3.79
N VAL C 141 -16.07 12.05 -3.49
CA VAL C 141 -15.75 12.85 -2.32
C VAL C 141 -14.93 14.04 -2.75
N ILE C 142 -14.90 15.06 -1.87
CA ILE C 142 -14.34 16.37 -2.20
C ILE C 142 -13.10 16.57 -1.34
N ALA C 143 -11.94 16.72 -1.98
CA ALA C 143 -10.75 16.95 -1.17
C ALA C 143 -10.69 18.41 -0.75
N ALA C 144 -9.74 18.72 0.15
CA ALA C 144 -9.68 20.06 0.74
C ALA C 144 -9.57 21.16 -0.32
N ASP C 145 -8.90 20.89 -1.44
CA ASP C 145 -8.79 21.89 -2.50
C ASP C 145 -9.91 21.80 -3.54
N GLY C 146 -10.98 21.05 -3.24
CA GLY C 146 -12.07 20.98 -4.19
C GLY C 146 -11.90 19.97 -5.31
N VAL C 147 -10.79 19.23 -5.37
CA VAL C 147 -10.66 18.16 -6.36
C VAL C 147 -11.56 16.98 -5.98
N LEU C 148 -12.38 16.50 -6.93
CA LEU C 148 -13.23 15.33 -6.70
C LEU C 148 -12.45 14.03 -6.85
N LYS C 149 -12.76 13.06 -5.99
CA LYS C 149 -12.14 11.74 -6.06
C LYS C 149 -13.21 10.66 -6.00
N ILE C 150 -13.07 9.66 -6.87
CA ILE C 150 -14.02 8.55 -6.98
C ILE C 150 -13.61 7.46 -6.01
N CYS C 151 -14.59 6.94 -5.26
CA CYS C 151 -14.35 5.90 -4.27
C CYS C 151 -15.00 4.62 -4.73
N ASP C 152 -14.53 3.51 -4.17
CA ASP C 152 -15.23 2.22 -4.21
C ASP C 152 -15.30 1.68 -5.63
N PHE C 153 -14.29 1.99 -6.44
CA PHE C 153 -14.26 1.51 -7.81
C PHE C 153 -13.85 0.04 -7.89
N GLY C 154 -13.50 -0.58 -6.78
CA GLY C 154 -13.15 -1.98 -6.81
C GLY C 154 -14.12 -2.89 -6.09
N ALA C 155 -15.21 -2.32 -5.59
CA ALA C 155 -16.24 -3.19 -4.98
C ALA C 155 -16.83 -4.14 -6.04
N SER C 156 -16.80 -3.75 -7.31
CA SER C 156 -17.47 -4.52 -8.39
C SER C 156 -16.83 -5.88 -8.61
N ARG C 157 -15.52 -5.95 -8.54
CA ARG C 157 -14.92 -7.29 -8.61
C ARG C 157 -14.22 -7.43 -7.28
N PHE C 158 -12.92 -7.64 -7.31
CA PHE C 158 -12.14 -7.60 -6.06
C PHE C 158 -12.98 -8.17 -4.92
N HIS C 159 -13.40 -7.28 -4.03
CA HIS C 159 -14.20 -7.72 -2.88
C HIS C 159 -15.67 -7.57 -3.22
N ASN C 160 -16.26 -8.58 -3.87
CA ASN C 160 -17.70 -8.55 -4.19
C ASN C 160 -18.54 -8.45 -2.92
N HIS C 161 -18.07 -9.04 -1.82
CA HIS C 161 -18.84 -9.13 -0.57
C HIS C 161 -19.14 -7.77 0.05
N THR C 162 -18.13 -7.16 0.69
CA THR C 162 -18.19 -5.96 1.53
C THR C 162 -19.43 -5.08 1.37
N THR C 163 -19.51 -4.34 0.26
CA THR C 163 -20.56 -3.34 0.07
C THR C 163 -21.95 -3.96 0.22
N HIS C 164 -22.17 -5.14 -0.36
CA HIS C 164 -23.46 -5.82 -0.26
C HIS C 164 -23.34 -7.17 0.45
N SER C 166 -27.05 -0.43 0.68
CA SER C 166 -28.11 -1.39 0.38
C SER C 166 -28.29 -1.56 -1.12
N LEU C 167 -29.53 -1.59 -1.54
CA LEU C 167 -29.82 -1.59 -2.96
C LEU C 167 -30.95 -0.61 -3.31
N VAL C 168 -31.95 -0.48 -2.44
CA VAL C 168 -33.00 0.52 -2.66
C VAL C 168 -32.40 1.90 -2.79
N GLY C 169 -31.42 2.22 -1.94
CA GLY C 169 -30.85 3.55 -1.94
C GLY C 169 -29.96 3.89 -3.13
N THR C 170 -29.79 2.96 -4.07
CA THR C 170 -28.84 3.17 -5.16
C THR C 170 -29.42 2.88 -6.54
N PHE C 171 -30.65 2.37 -6.63
CA PHE C 171 -31.26 2.16 -7.94
C PHE C 171 -31.25 3.40 -8.84
N PRO C 172 -31.35 4.64 -8.35
CA PRO C 172 -31.39 5.78 -9.28
C PRO C 172 -30.15 5.97 -10.14
N TRP C 173 -29.00 5.44 -9.75
CA TRP C 173 -27.77 5.65 -10.49
C TRP C 173 -27.43 4.48 -11.40
N MET C 174 -28.20 3.40 -11.33
CA MET C 174 -27.88 2.15 -11.99
C MET C 174 -28.41 2.17 -13.41
N ALA C 175 -27.55 1.84 -14.37
CA ALA C 175 -27.98 1.62 -15.75
C ALA C 175 -28.98 0.46 -15.80
N PRO C 176 -29.92 0.49 -16.76
CA PRO C 176 -30.87 -0.63 -16.90
C PRO C 176 -30.21 -2.01 -16.92
N GLU C 177 -29.10 -2.18 -17.67
CA GLU C 177 -28.51 -3.51 -17.79
C GLU C 177 -27.92 -3.99 -16.46
N VAL C 178 -27.47 -3.06 -15.62
CA VAL C 178 -26.99 -3.38 -14.27
C VAL C 178 -28.16 -3.81 -13.38
N ILE C 179 -29.30 -3.11 -13.50
CA ILE C 179 -30.49 -3.46 -12.73
C ILE C 179 -30.92 -4.88 -13.04
N GLN C 180 -30.86 -5.27 -14.31
CA GLN C 180 -31.24 -6.61 -14.75
C GLN C 180 -30.13 -7.64 -14.60
N SER C 181 -29.06 -7.33 -13.87
CA SER C 181 -27.93 -8.26 -13.70
C SER C 181 -27.46 -8.84 -15.03
N LEU C 182 -27.53 -8.03 -16.08
CA LEU C 182 -27.13 -8.42 -17.42
C LEU C 182 -25.63 -8.29 -17.59
N PRO C 183 -25.09 -8.75 -18.72
CA PRO C 183 -23.71 -8.40 -19.08
C PRO C 183 -23.56 -6.89 -19.22
N VAL C 184 -22.40 -6.41 -18.81
CA VAL C 184 -22.17 -5.01 -18.56
C VAL C 184 -20.94 -4.56 -19.33
N SER C 185 -21.06 -3.46 -20.08
CA SER C 185 -19.91 -2.78 -20.65
C SER C 185 -19.56 -1.55 -19.81
N GLU C 186 -18.45 -0.90 -20.16
CA GLU C 186 -17.99 0.25 -19.39
C GLU C 186 -18.99 1.40 -19.42
N THR C 187 -19.85 1.46 -20.44
CA THR C 187 -20.87 2.53 -20.48
C THR C 187 -21.99 2.36 -19.46
N CYS C 188 -22.02 1.32 -18.63
CA CYS C 188 -22.87 1.42 -17.44
C CYS C 188 -22.41 2.58 -16.55
N ASP C 189 -21.09 2.85 -16.51
CA ASP C 189 -20.59 3.97 -15.72
C ASP C 189 -20.95 5.30 -16.36
N THR C 190 -21.03 5.35 -17.69
CA THR C 190 -21.52 6.56 -18.36
C THR C 190 -22.93 6.92 -17.92
N TYR C 191 -23.81 5.91 -17.83
CA TYR C 191 -25.16 6.17 -17.36
C TYR C 191 -25.14 6.80 -15.97
N SER C 192 -24.39 6.18 -15.05
CA SER C 192 -24.33 6.67 -13.69
C SER C 192 -23.78 8.08 -13.65
N TYR C 193 -22.80 8.37 -14.52
CA TYR C 193 -22.17 9.68 -14.54
C TYR C 193 -23.19 10.75 -14.94
N GLY C 194 -24.10 10.39 -15.84
CA GLY C 194 -25.14 11.33 -16.24
C GLY C 194 -26.04 11.72 -15.08
N VAL C 195 -26.40 10.74 -14.25
CA VAL C 195 -27.15 11.01 -13.01
C VAL C 195 -26.39 12.00 -12.13
N VAL C 196 -25.10 11.75 -11.89
CA VAL C 196 -24.27 12.65 -11.08
C VAL C 196 -24.28 14.06 -11.67
N LEU C 197 -24.15 14.17 -12.98
CA LEU C 197 -24.18 15.49 -13.61
C LEU C 197 -25.53 16.16 -13.39
N TRP C 198 -26.63 15.41 -13.55
CA TRP C 198 -27.97 15.93 -13.29
C TRP C 198 -28.10 16.40 -11.84
N GLU C 199 -27.52 15.65 -10.89
CA GLU C 199 -27.58 16.06 -9.49
C GLU C 199 -26.91 17.41 -9.28
N MET C 200 -25.77 17.64 -9.93
CA MET C 200 -25.09 18.91 -9.83
C MET C 200 -25.90 20.03 -10.47
N LEU C 201 -26.59 19.73 -11.58
CA LEU C 201 -27.31 20.76 -12.31
C LEU C 201 -28.56 21.17 -11.57
N THR C 202 -29.25 20.23 -10.91
CA THR C 202 -30.55 20.46 -10.31
C THR C 202 -30.53 20.58 -8.79
N ARG C 203 -29.48 20.06 -8.14
CA ARG C 203 -29.40 20.03 -6.68
C ARG C 203 -30.60 19.33 -6.06
N GLU C 204 -31.00 18.22 -6.67
CA GLU C 204 -32.09 17.36 -6.21
C GLU C 204 -31.59 15.93 -6.01
N VAL C 205 -32.25 15.21 -5.11
CA VAL C 205 -32.07 13.76 -5.02
C VAL C 205 -32.75 13.10 -6.21
N PRO C 206 -32.08 12.24 -6.96
CA PRO C 206 -32.75 11.56 -8.09
C PRO C 206 -33.84 10.63 -7.61
N PHE C 207 -35.04 10.79 -8.20
CA PHE C 207 -36.24 10.01 -7.85
C PHE C 207 -36.57 10.09 -6.36
N LYS C 208 -36.35 11.27 -5.79
CA LYS C 208 -36.58 11.51 -4.37
C LYS C 208 -37.92 10.93 -3.88
N GLY C 209 -37.85 10.10 -2.84
CA GLY C 209 -39.05 9.59 -2.20
C GLY C 209 -39.74 8.45 -2.92
N LEU C 210 -39.17 7.96 -4.02
CA LEU C 210 -39.70 6.79 -4.72
C LEU C 210 -39.09 5.52 -4.14
N GLU C 211 -39.85 4.43 -4.17
CA GLU C 211 -39.32 3.17 -3.68
C GLU C 211 -38.34 2.57 -4.69
N GLY C 212 -37.38 1.80 -4.16
CA GLY C 212 -36.31 1.24 -4.96
C GLY C 212 -36.76 0.44 -6.16
N LEU C 213 -37.54 -0.62 -5.93
CA LEU C 213 -38.00 -1.46 -7.03
C LEU C 213 -39.03 -0.75 -7.89
N GLN C 214 -39.65 0.31 -7.37
CA GLN C 214 -40.41 1.22 -8.21
C GLN C 214 -39.52 1.86 -9.28
N VAL C 215 -38.41 2.48 -8.86
CA VAL C 215 -37.48 3.08 -9.80
C VAL C 215 -36.93 2.02 -10.77
N ALA C 216 -36.55 0.86 -10.24
CA ALA C 216 -35.96 -0.18 -11.07
C ALA C 216 -36.89 -0.59 -12.21
N TRP C 217 -38.18 -0.80 -11.89
CA TRP C 217 -39.13 -1.19 -12.92
C TRP C 217 -39.36 -0.07 -13.94
N LEU C 218 -39.47 1.18 -13.48
CA LEU C 218 -39.69 2.29 -14.41
C LEU C 218 -38.51 2.46 -15.37
N VAL C 219 -37.29 2.36 -14.85
CA VAL C 219 -36.10 2.58 -15.67
C VAL C 219 -35.96 1.48 -16.72
N VAL C 220 -36.24 0.24 -16.32
CA VAL C 220 -36.02 -0.91 -17.24
C VAL C 220 -37.21 -1.07 -18.20
N GLU C 221 -38.42 -1.13 -17.66
CA GLU C 221 -39.60 -1.45 -18.49
C GLU C 221 -40.22 -0.23 -19.20
N LYS C 222 -40.09 0.97 -18.66
CA LYS C 222 -40.76 2.12 -19.30
C LYS C 222 -39.73 3.09 -19.89
N ASN C 223 -38.43 2.81 -19.72
CA ASN C 223 -37.34 3.70 -20.21
C ASN C 223 -37.46 5.05 -19.51
N GLU C 224 -37.83 5.02 -18.23
CA GLU C 224 -38.02 6.27 -17.48
C GLU C 224 -36.67 6.87 -17.13
N ARG C 225 -36.49 8.15 -17.43
CA ARG C 225 -35.23 8.86 -17.15
C ARG C 225 -35.55 10.09 -16.29
N LEU C 226 -34.55 10.68 -15.64
CA LEU C 226 -34.77 11.85 -14.81
C LEU C 226 -35.19 13.06 -15.66
N THR C 227 -36.00 13.92 -15.06
CA THR C 227 -36.56 15.07 -15.76
C THR C 227 -35.49 16.16 -15.91
N ILE C 228 -35.24 16.55 -17.14
CA ILE C 228 -34.33 17.66 -17.45
C ILE C 228 -35.20 18.89 -17.67
N PRO C 229 -35.11 19.91 -16.81
CA PRO C 229 -35.93 21.13 -17.01
C PRO C 229 -35.71 21.73 -18.38
N SER C 230 -36.80 22.25 -18.97
CA SER C 230 -36.70 22.75 -20.34
C SER C 230 -35.74 23.95 -20.48
N SER C 231 -35.45 24.67 -19.41
CA SER C 231 -34.52 25.77 -19.53
C SER C 231 -33.07 25.36 -19.26
N CYS C 232 -32.82 24.09 -18.97
CA CYS C 232 -31.44 23.60 -18.89
C CYS C 232 -30.78 23.81 -20.25
N PRO C 233 -29.60 24.41 -20.32
CA PRO C 233 -28.99 24.69 -21.63
C PRO C 233 -28.87 23.41 -22.45
N ARG C 234 -29.02 23.57 -23.77
CA ARG C 234 -29.05 22.44 -24.71
C ARG C 234 -27.85 21.51 -24.54
N SER C 235 -26.65 22.10 -24.46
CA SER C 235 -25.42 21.31 -24.38
C SER C 235 -25.47 20.30 -23.23
N PHE C 236 -25.94 20.75 -22.07
CA PHE C 236 -26.08 19.86 -20.93
C PHE C 236 -27.18 18.83 -21.14
N ALA C 237 -28.33 19.27 -21.67
CA ALA C 237 -29.44 18.33 -21.85
C ALA C 237 -29.10 17.25 -22.88
N GLU C 238 -28.46 17.62 -24.00
CA GLU C 238 -27.97 16.64 -24.96
C GLU C 238 -27.05 15.62 -24.29
N LEU C 239 -26.08 16.10 -23.49
CA LEU C 239 -25.13 15.17 -22.90
C LEU C 239 -25.82 14.19 -21.98
N LEU C 240 -26.83 14.66 -21.23
CA LEU C 240 -27.56 13.79 -20.30
C LEU C 240 -28.34 12.71 -21.04
N HIS C 241 -29.07 13.11 -22.08
CA HIS C 241 -29.80 12.15 -22.92
C HIS C 241 -28.86 11.12 -23.53
N GLN C 242 -27.68 11.55 -23.97
CA GLN C 242 -26.74 10.60 -24.55
C GLN C 242 -26.23 9.61 -23.51
N CYS C 243 -25.98 10.09 -22.28
CA CYS C 243 -25.53 9.19 -21.22
C CYS C 243 -26.59 8.19 -20.82
N TRP C 244 -27.87 8.53 -21.02
CA TRP C 244 -28.97 7.72 -20.50
C TRP C 244 -29.65 6.85 -21.57
N GLU C 245 -29.10 6.76 -22.79
CA GLU C 245 -29.65 5.83 -23.78
C GLU C 245 -29.81 4.43 -23.22
N ALA C 246 -31.00 3.83 -23.46
CA ALA C 246 -31.24 2.45 -23.02
C ALA C 246 -30.25 1.49 -23.66
N ASP C 247 -29.92 1.72 -24.93
CA ASP C 247 -28.91 0.92 -25.64
C ASP C 247 -27.54 1.39 -25.17
N ALA C 248 -26.83 0.54 -24.44
CA ALA C 248 -25.56 0.96 -23.83
C ALA C 248 -24.54 1.36 -24.90
N LYS C 249 -24.67 0.82 -26.12
CA LYS C 249 -23.72 1.12 -27.18
C LYS C 249 -23.86 2.52 -27.73
N LYS C 250 -24.97 3.19 -27.46
CA LYS C 250 -25.22 4.55 -27.92
C LYS C 250 -24.75 5.62 -26.92
N ARG C 251 -24.27 5.22 -25.73
CA ARG C 251 -23.77 6.16 -24.73
C ARG C 251 -22.32 6.54 -25.03
N PRO C 252 -21.92 7.78 -24.75
CA PRO C 252 -20.53 8.17 -25.04
C PRO C 252 -19.55 7.49 -24.11
N SER C 253 -18.33 7.30 -24.63
CA SER C 253 -17.22 6.91 -23.77
C SER C 253 -16.78 8.12 -22.93
N PHE C 254 -16.00 7.87 -21.87
CA PHE C 254 -15.56 9.02 -21.09
C PHE C 254 -14.57 9.90 -21.86
N LYS C 255 -13.79 9.32 -22.77
CA LYS C 255 -12.98 10.12 -23.68
C LYS C 255 -13.86 11.09 -24.47
N GLN C 256 -14.95 10.58 -25.03
CA GLN C 256 -15.90 11.44 -25.71
C GLN C 256 -16.47 12.52 -24.79
N ILE C 257 -16.80 12.17 -23.55
CA ILE C 257 -17.34 13.16 -22.62
C ILE C 257 -16.32 14.25 -22.34
N ILE C 258 -15.05 13.87 -22.14
CA ILE C 258 -14.03 14.89 -21.91
C ILE C 258 -13.96 15.86 -23.09
N SER C 259 -14.04 15.33 -24.32
CA SER C 259 -14.01 16.18 -25.49
C SER C 259 -15.23 17.07 -25.54
N ILE C 260 -16.41 16.50 -25.22
CA ILE C 260 -17.63 17.29 -25.16
C ILE C 260 -17.49 18.41 -24.14
N LEU C 261 -16.99 18.09 -22.94
CA LEU C 261 -16.85 19.10 -21.90
C LEU C 261 -15.88 20.20 -22.33
N GLU C 262 -14.80 19.84 -23.01
CA GLU C 262 -13.84 20.83 -23.50
C GLU C 262 -14.51 21.77 -24.49
N SER C 263 -15.35 21.23 -25.36
CA SER C 263 -16.11 22.04 -26.30
C SER C 263 -17.05 22.98 -25.56
N MET C 264 -17.77 22.48 -24.56
CA MET C 264 -18.67 23.34 -23.81
C MET C 264 -17.91 24.45 -23.09
N SER C 265 -16.74 24.12 -22.52
CA SER C 265 -15.99 25.15 -21.81
C SER C 265 -15.39 26.19 -22.76
N ASN C 266 -15.36 25.93 -24.08
CA ASN C 266 -14.95 26.94 -25.04
C ASN C 266 -16.12 27.69 -25.65
N ASP C 267 -17.34 27.41 -25.19
CA ASP C 267 -18.56 27.99 -25.72
C ASP C 267 -18.83 29.27 -24.94
N THR C 268 -18.57 30.41 -25.57
CA THR C 268 -18.65 31.70 -24.87
C THR C 268 -20.08 32.08 -24.49
N SER C 269 -21.09 31.49 -25.14
CA SER C 269 -22.48 31.74 -24.80
C SER C 269 -22.94 30.93 -23.59
N LEU C 270 -22.24 29.84 -23.28
CA LEU C 270 -22.78 28.88 -22.31
C LEU C 270 -22.79 29.39 -20.87
N PRO C 271 -21.78 30.13 -20.37
CA PRO C 271 -21.83 30.53 -18.95
C PRO C 271 -23.09 31.32 -18.60
N ASP C 272 -23.45 32.31 -19.41
CA ASP C 272 -24.63 33.11 -19.09
C ASP C 272 -25.88 32.26 -19.12
N LYS C 273 -26.00 31.36 -20.10
CA LYS C 273 -27.19 30.52 -20.17
C LYS C 273 -27.26 29.59 -18.98
N CYS C 274 -26.15 28.91 -18.68
CA CYS C 274 -26.15 27.95 -17.59
C CYS C 274 -26.37 28.64 -16.25
N ASN C 275 -25.69 29.76 -16.02
CA ASN C 275 -25.84 30.48 -14.76
C ASN C 275 -27.24 31.05 -14.60
N SER C 276 -27.82 31.58 -15.69
CA SER C 276 -29.20 32.01 -15.61
C SER C 276 -30.10 30.85 -15.17
N PHE C 277 -29.86 29.66 -15.75
CA PHE C 277 -30.70 28.52 -15.40
C PHE C 277 -30.49 28.09 -13.95
N LEU C 278 -29.24 28.06 -13.48
CA LEU C 278 -28.97 27.63 -12.11
C LEU C 278 -29.53 28.61 -11.09
N HIS C 279 -29.51 29.90 -11.43
CA HIS C 279 -30.10 30.91 -10.54
C HIS C 279 -31.63 30.84 -10.48
N ASN C 280 -32.27 29.95 -11.24
CA ASN C 280 -33.70 30.05 -11.51
C ASN C 280 -34.51 28.87 -10.99
N LYS C 281 -34.00 28.16 -9.99
CA LYS C 281 -34.68 26.95 -9.53
C LYS C 281 -36.10 27.22 -9.06
N ALA C 282 -36.35 28.39 -8.45
CA ALA C 282 -37.73 28.73 -8.06
C ALA C 282 -38.72 28.55 -9.22
N GLU C 283 -38.29 28.82 -10.45
CA GLU C 283 -39.22 28.75 -11.57
C GLU C 283 -39.33 27.36 -12.19
N TRP C 284 -38.30 26.52 -12.10
CA TRP C 284 -38.31 25.28 -12.87
C TRP C 284 -38.34 24.02 -12.04
N ARG C 285 -38.13 24.09 -10.72
CA ARG C 285 -38.22 22.89 -9.91
C ARG C 285 -39.59 22.20 -10.00
N CYS C 286 -40.66 22.94 -10.35
CA CYS C 286 -41.97 22.31 -10.45
C CYS C 286 -41.99 21.23 -11.53
N GLU C 287 -41.16 21.37 -12.56
CA GLU C 287 -41.10 20.34 -13.60
C GLU C 287 -40.64 19.02 -13.03
N ILE C 288 -39.66 19.08 -12.12
CA ILE C 288 -39.16 17.87 -11.45
C ILE C 288 -40.20 17.34 -10.49
N GLU C 289 -40.81 18.23 -9.71
CA GLU C 289 -41.87 17.82 -8.79
C GLU C 289 -43.02 17.19 -9.56
N ALA C 290 -43.35 17.74 -10.73
CA ALA C 290 -44.45 17.20 -11.54
C ALA C 290 -44.23 15.70 -11.80
N THR C 291 -43.04 15.35 -12.28
CA THR C 291 -42.72 13.95 -12.55
C THR C 291 -42.81 13.12 -11.28
N LEU C 292 -42.24 13.60 -10.16
CA LEU C 292 -42.31 12.84 -8.92
C LEU C 292 -43.76 12.55 -8.54
N GLU C 293 -44.63 13.57 -8.63
CA GLU C 293 -46.04 13.37 -8.31
C GLU C 293 -46.66 12.32 -9.24
N ARG C 294 -46.32 12.38 -10.53
CA ARG C 294 -46.87 11.43 -11.49
C ARG C 294 -46.45 10.00 -11.17
N LEU C 295 -45.18 9.80 -10.84
CA LEU C 295 -44.71 8.44 -10.62
C LEU C 295 -45.14 7.90 -9.25
N LYS C 296 -45.34 8.78 -8.26
CA LYS C 296 -45.92 8.30 -7.01
C LYS C 296 -47.36 7.85 -7.22
N LYS C 297 -48.10 8.57 -8.08
CA LYS C 297 -49.46 8.18 -8.40
C LYS C 297 -49.51 6.93 -9.27
N LEU C 298 -48.53 6.75 -10.16
CA LEU C 298 -48.53 5.55 -11.01
C LEU C 298 -48.49 4.28 -10.17
N GLU C 299 -47.90 4.34 -8.97
CA GLU C 299 -47.97 3.19 -8.07
C GLU C 299 -49.40 2.95 -7.59
N ARG C 300 -50.04 3.98 -7.05
CA ARG C 300 -51.44 3.87 -6.62
C ARG C 300 -52.39 3.69 -7.81
N PHE D 9 2.80 16.80 20.63
CA PHE D 9 4.24 16.62 20.82
C PHE D 9 4.78 17.18 22.15
N VAL D 10 5.39 16.31 22.96
CA VAL D 10 5.98 16.76 24.22
C VAL D 10 7.21 17.58 23.91
N GLN D 11 7.24 18.81 24.43
CA GLN D 11 8.27 19.77 24.09
C GLN D 11 9.02 20.20 25.35
N ILE D 12 10.34 20.21 25.28
CA ILE D 12 11.19 20.64 26.39
C ILE D 12 11.90 21.91 25.96
N LYS D 13 11.94 22.91 26.83
CA LYS D 13 12.56 24.18 26.47
C LYS D 13 14.06 24.15 26.71
N PHE D 14 14.78 24.93 25.89
CA PHE D 14 16.23 25.09 26.04
C PHE D 14 16.61 25.49 27.46
N ASP D 15 15.84 26.42 28.05
CA ASP D 15 16.09 26.86 29.43
C ASP D 15 15.72 25.82 30.47
N ASP D 16 15.10 24.71 30.09
CA ASP D 16 14.80 23.65 31.07
C ASP D 16 15.95 22.63 31.05
N LEU D 17 17.04 22.98 30.40
CA LEU D 17 18.15 22.02 30.27
C LEU D 17 19.49 22.64 30.66
N GLN D 18 20.24 21.93 31.48
CA GLN D 18 21.60 22.35 31.86
C GLN D 18 22.54 21.38 31.12
N PHE D 19 23.25 21.87 30.12
CA PHE D 19 24.09 21.01 29.26
C PHE D 19 25.42 20.73 29.93
N PHE D 20 25.85 19.48 29.83
CA PHE D 20 27.15 19.11 30.41
C PHE D 20 28.11 18.78 29.29
N GLU D 21 28.66 17.58 29.33
CA GLU D 21 29.73 17.28 28.37
C GLU D 21 29.29 17.02 26.95
N ASN D 22 30.07 17.57 26.05
CA ASN D 22 29.93 17.17 24.65
C ASN D 22 31.25 16.45 24.41
N CYS D 23 29.58 14.91 23.04
CA CYS D 23 30.17 13.75 22.41
C CYS D 23 29.94 13.86 20.89
N GLY D 24 30.98 14.19 20.14
CA GLY D 24 30.85 14.28 18.68
C GLY D 24 31.02 15.65 18.04
N GLY D 25 31.59 16.60 18.78
CA GLY D 25 31.95 17.90 18.25
C GLY D 25 30.97 19.02 18.57
N GLY D 26 29.73 18.69 18.93
CA GLY D 26 28.70 19.69 19.08
C GLY D 26 27.90 19.96 17.84
N SER D 27 28.07 19.15 16.80
CA SER D 27 27.47 19.37 15.50
C SER D 27 26.09 18.71 15.44
N PHE D 28 25.60 18.45 14.24
CA PHE D 28 24.33 17.75 14.05
C PHE D 28 24.54 16.26 14.27
N GLY D 29 23.64 15.65 15.03
CA GLY D 29 23.86 14.30 15.52
C GLY D 29 24.78 14.23 16.72
N SER D 30 25.22 15.37 17.25
CA SER D 30 26.00 15.40 18.48
C SER D 30 25.10 15.27 19.69
N VAL D 31 25.54 14.46 20.65
CA VAL D 31 24.77 14.12 21.82
C VAL D 31 25.45 14.73 23.04
N TYR D 32 24.67 15.42 23.85
CA TYR D 32 25.11 15.96 25.13
C TYR D 32 24.49 15.15 26.26
N ARG D 33 25.25 14.95 27.33
CA ARG D 33 24.65 14.63 28.62
C ARG D 33 24.19 15.92 29.27
N ALA D 34 23.02 15.88 29.92
CA ALA D 34 22.44 17.11 30.43
C ALA D 34 21.52 16.80 31.59
N LYS D 35 21.06 17.86 32.22
CA LYS D 35 20.10 17.79 33.31
C LYS D 35 18.80 18.43 32.83
N TRP D 36 17.72 17.67 32.84
CA TRP D 36 16.37 18.20 32.62
C TRP D 36 15.91 18.82 33.94
N ILE D 37 15.78 20.14 33.98
CA ILE D 37 15.74 20.85 35.27
C ILE D 37 14.41 20.64 35.97
N SER D 38 13.29 20.85 35.27
CA SER D 38 11.99 20.71 35.91
C SER D 38 11.73 19.29 36.39
N GLN D 39 12.39 18.28 35.81
CA GLN D 39 12.21 16.90 36.22
C GLN D 39 13.34 16.40 37.11
N ASP D 40 14.40 17.18 37.28
CA ASP D 40 15.58 16.74 38.03
C ASP D 40 16.06 15.39 37.50
N LYS D 41 16.19 15.28 36.17
CA LYS D 41 16.59 14.04 35.52
C LYS D 41 17.83 14.24 34.66
N GLU D 42 18.72 13.26 34.70
CA GLU D 42 19.83 13.21 33.77
C GLU D 42 19.31 12.71 32.43
N VAL D 43 19.65 13.42 31.36
CA VAL D 43 19.14 13.09 30.03
C VAL D 43 20.26 13.18 29.01
N ALA D 44 20.00 12.61 27.84
CA ALA D 44 20.82 12.82 26.65
C ALA D 44 20.10 13.79 25.72
N VAL D 45 20.83 14.72 25.14
CA VAL D 45 20.26 15.68 24.20
C VAL D 45 21.02 15.60 22.88
N LYS D 46 20.28 15.34 21.81
CA LYS D 46 20.85 15.39 20.46
C LYS D 46 20.38 16.69 19.83
N LYS D 47 21.30 17.62 19.60
CA LYS D 47 21.00 18.83 18.84
C LYS D 47 20.95 18.51 17.36
N LEU D 48 19.91 19.00 16.68
CA LEU D 48 19.69 18.73 15.26
C LEU D 48 19.44 20.02 14.52
N LEU D 49 19.64 19.97 13.21
CA LEU D 49 19.35 21.14 12.39
C LEU D 49 17.87 21.25 12.10
N LYS D 50 17.14 20.13 12.16
CA LYS D 50 15.70 20.10 11.99
C LYS D 50 15.18 18.81 12.62
N ILE D 51 13.86 18.65 12.59
CA ILE D 51 13.22 17.37 12.99
C ILE D 51 12.50 16.91 11.73
N GLU D 52 12.93 15.80 11.14
CA GLU D 52 12.35 15.33 9.85
C GLU D 52 10.90 14.89 10.02
N LYS D 53 10.21 14.72 8.91
CA LYS D 53 8.78 14.36 8.99
C LYS D 53 8.74 12.85 9.06
N GLU D 54 9.62 12.20 8.29
CA GLU D 54 9.74 10.71 8.36
C GLU D 54 10.04 10.45 9.81
N ALA D 55 10.55 11.46 10.50
CA ALA D 55 10.67 11.41 11.97
C ALA D 55 9.29 11.40 12.64
N GLU D 56 9.17 11.85 13.88
CA GLU D 56 7.86 11.92 14.58
C GLU D 56 7.39 10.57 15.18
N ILE D 57 7.29 9.46 14.42
CA ILE D 57 6.72 8.18 14.96
C ILE D 57 7.54 7.59 16.13
N LEU D 58 8.85 7.76 16.14
CA LEU D 58 9.70 7.27 17.25
C LEU D 58 9.26 7.87 18.58
N SER D 59 8.62 9.04 18.55
N SER D 59 8.64 9.05 18.53
CA SER D 59 8.15 9.70 19.79
CA SER D 59 8.14 9.71 19.77
C SER D 59 7.15 8.83 20.54
C SER D 59 7.19 8.80 20.54
N VAL D 60 6.48 7.91 19.82
CA VAL D 60 5.49 7.00 20.48
C VAL D 60 6.11 5.61 20.75
N LEU D 61 7.31 5.35 20.23
CA LEU D 61 7.97 4.06 20.52
C LEU D 61 8.37 4.00 21.99
N SER D 62 7.90 2.99 22.71
CA SER D 62 8.22 2.83 24.15
C SER D 62 8.47 1.36 24.47
N HIS D 63 9.57 1.09 25.15
CA HIS D 63 9.93 -0.27 25.54
C HIS D 63 11.14 -0.20 26.47
N ARG D 64 11.16 -1.04 27.50
CA ARG D 64 12.22 -0.93 28.50
C ARG D 64 13.61 -1.20 27.92
N ASN D 65 13.73 -1.86 26.75
CA ASN D 65 15.04 -2.13 26.19
C ASN D 65 15.37 -1.23 25.00
N ILE D 66 14.66 -0.12 24.83
CA ILE D 66 15.08 0.90 23.89
C ILE D 66 15.12 2.22 24.66
N ILE D 67 16.07 3.07 24.31
CA ILE D 67 16.22 4.35 25.02
C ILE D 67 14.94 5.14 24.84
N GLN D 68 14.47 5.74 25.93
CA GLN D 68 13.13 6.32 25.95
C GLN D 68 13.15 7.79 25.53
N PHE D 69 12.33 8.10 24.53
CA PHE D 69 12.04 9.50 24.16
C PHE D 69 11.39 10.25 25.31
N TYR D 70 11.94 11.42 25.66
CA TYR D 70 11.31 12.34 26.61
C TYR D 70 10.67 13.57 25.97
N GLY D 71 11.22 14.10 24.88
CA GLY D 71 10.67 15.31 24.30
C GLY D 71 11.55 15.87 23.22
N VAL D 72 10.99 16.83 22.48
CA VAL D 72 11.72 17.57 21.46
C VAL D 72 11.93 19.02 21.90
N ILE D 73 13.03 19.60 21.45
CA ILE D 73 13.30 21.01 21.61
C ILE D 73 12.94 21.66 20.29
N LEU D 74 12.08 22.68 20.33
CA LEU D 74 11.52 23.29 19.11
C LEU D 74 11.56 24.80 19.26
N GLU D 75 12.78 25.36 19.20
CA GLU D 75 13.01 26.79 19.39
C GLU D 75 13.89 27.29 18.25
N PRO D 76 13.33 27.45 17.06
CA PRO D 76 14.12 27.76 15.85
C PRO D 76 15.09 28.90 16.09
N PRO D 77 16.32 28.81 15.55
CA PRO D 77 16.78 27.78 14.62
C PRO D 77 17.35 26.51 15.27
N ASN D 78 17.12 26.34 16.57
CA ASN D 78 17.69 25.24 17.34
C ASN D 78 16.62 24.20 17.67
N TYR D 79 16.91 22.94 17.32
CA TYR D 79 16.03 21.80 17.51
C TYR D 79 16.80 20.69 18.20
N GLY D 80 16.08 19.79 18.83
CA GLY D 80 16.79 18.71 19.46
C GLY D 80 15.85 17.63 19.91
N ILE D 81 16.44 16.52 20.34
CA ILE D 81 15.70 15.39 20.86
C ILE D 81 16.28 15.03 22.20
N VAL D 82 15.41 14.83 23.18
CA VAL D 82 15.80 14.52 24.55
C VAL D 82 15.38 13.10 24.87
N THR D 83 16.31 12.30 25.40
CA THR D 83 16.00 10.93 25.81
C THR D 83 16.52 10.65 27.21
N GLU D 84 16.09 9.50 27.70
CA GLU D 84 16.66 8.93 28.90
C GLU D 84 18.18 8.81 28.75
N TYR D 85 18.86 8.88 29.89
CA TYR D 85 20.30 8.70 29.94
C TYR D 85 20.59 7.52 30.87
N ALA D 86 21.30 6.52 30.35
CA ALA D 86 21.57 5.30 31.10
C ALA D 86 22.85 5.47 31.93
N SER D 87 22.72 5.32 33.24
CA SER D 87 23.78 5.69 34.18
C SER D 87 25.10 4.97 33.97
N LEU D 88 25.09 3.71 33.54
CA LEU D 88 26.32 2.92 33.57
C LEU D 88 27.04 2.91 32.23
N GLY D 89 26.59 3.71 31.26
CA GLY D 89 27.38 3.93 30.06
C GLY D 89 27.13 2.91 28.97
N SER D 90 28.03 2.88 28.00
CA SER D 90 27.84 2.03 26.84
C SER D 90 28.30 0.61 27.10
N LEU D 91 27.59 -0.34 26.46
CA LEU D 91 28.02 -1.72 26.49
C LEU D 91 29.47 -1.86 26.05
N TYR D 92 29.86 -1.16 24.98
CA TYR D 92 31.22 -1.28 24.45
C TYR D 92 32.27 -0.91 25.51
N ASP D 93 32.06 0.21 26.21
CA ASP D 93 33.05 0.63 27.20
C ASP D 93 33.06 -0.29 28.41
N TYR D 94 31.92 -0.91 28.73
CA TYR D 94 31.90 -1.90 29.83
C TYR D 94 32.69 -3.16 29.45
N ILE D 95 32.41 -3.71 28.28
CA ILE D 95 33.05 -4.99 27.85
C ILE D 95 34.57 -4.79 27.79
N ASN D 96 35.01 -3.65 27.27
CA ASN D 96 36.45 -3.37 27.09
C ASN D 96 36.99 -2.66 28.34
N SER D 97 36.63 -3.17 29.51
CA SER D 97 37.11 -2.65 30.82
C SER D 97 37.26 -3.83 31.77
N ASN D 98 37.93 -3.63 32.90
CA ASN D 98 38.10 -4.70 33.92
C ASN D 98 36.75 -5.05 34.54
N ARG D 99 35.82 -4.12 34.54
CA ARG D 99 34.46 -4.34 35.11
C ARG D 99 33.75 -5.54 34.47
N SER D 100 34.08 -5.91 33.24
CA SER D 100 33.43 -7.03 32.51
C SER D 100 33.83 -8.40 33.07
N GLU D 101 34.79 -8.45 33.98
CA GLU D 101 35.26 -9.73 34.56
C GLU D 101 34.15 -10.37 35.39
N GLU D 102 33.26 -9.54 35.95
CA GLU D 102 32.14 -10.07 36.71
C GLU D 102 31.14 -10.85 35.86
N MET D 103 31.21 -10.78 34.53
CA MET D 103 30.18 -11.37 33.68
C MET D 103 30.24 -12.90 33.75
N ASP D 104 29.16 -13.53 34.20
CA ASP D 104 29.04 -14.98 34.13
C ASP D 104 27.92 -15.34 33.16
N MET D 105 27.60 -16.65 33.08
CA MET D 105 26.60 -17.10 32.13
C MET D 105 25.25 -16.42 32.34
N ASP D 106 24.83 -16.29 33.59
CA ASP D 106 23.52 -15.71 33.87
C ASP D 106 23.46 -14.25 33.45
N HIS D 107 24.55 -13.53 33.67
CA HIS D 107 24.68 -12.13 33.24
C HIS D 107 24.55 -12.04 31.72
N ILE D 108 25.22 -12.94 30.99
CA ILE D 108 25.21 -12.90 29.54
C ILE D 108 23.82 -13.21 29.01
N MET D 109 23.20 -14.27 29.53
CA MET D 109 21.82 -14.61 29.20
C MET D 109 20.89 -13.40 29.38
N THR D 110 21.02 -12.70 30.50
CA THR D 110 20.14 -11.57 30.79
C THR D 110 20.33 -10.46 29.79
N TRP D 111 21.58 -10.14 29.49
CA TRP D 111 21.85 -9.05 28.56
C TRP D 111 21.52 -9.48 27.13
N ALA D 112 21.84 -10.71 26.76
CA ALA D 112 21.45 -11.18 25.44
C ALA D 112 19.93 -11.12 25.27
N THR D 113 19.19 -11.41 26.33
CA THR D 113 17.73 -11.37 26.28
C THR D 113 17.23 -9.93 26.20
N ASP D 114 17.83 -9.02 26.99
CA ASP D 114 17.50 -7.60 26.90
C ASP D 114 17.61 -7.10 25.46
N VAL D 115 18.74 -7.35 24.79
CA VAL D 115 18.89 -6.80 23.44
C VAL D 115 17.89 -7.44 22.49
N ALA D 116 17.72 -8.78 22.59
CA ALA D 116 16.81 -9.48 21.68
C ALA D 116 15.39 -8.99 21.85
N LYS D 117 14.97 -8.71 23.09
CA LYS D 117 13.61 -8.22 23.28
C LYS D 117 13.43 -6.78 22.80
N GLY D 118 14.45 -5.93 22.94
CA GLY D 118 14.33 -4.61 22.35
C GLY D 118 14.26 -4.67 20.83
N MET D 119 15.07 -5.51 20.21
CA MET D 119 15.03 -5.65 18.76
C MET D 119 13.70 -6.27 18.29
N HIS D 120 13.18 -7.24 19.05
CA HIS D 120 11.88 -7.82 18.68
C HIS D 120 10.78 -6.75 18.75
N TYR D 121 10.88 -5.85 19.72
CA TYR D 121 9.91 -4.77 19.77
C TYR D 121 10.01 -3.90 18.52
N LEU D 122 11.24 -3.49 18.16
CA LEU D 122 11.40 -2.64 16.98
C LEU D 122 10.87 -3.32 15.72
N HIS D 123 11.22 -4.60 15.53
CA HIS D 123 10.84 -5.30 14.31
C HIS D 123 9.35 -5.61 14.25
N MET D 124 8.74 -5.97 15.39
CA MET D 124 7.45 -6.65 15.38
C MET D 124 6.33 -5.97 16.17
N GLU D 125 6.62 -5.20 17.22
CA GLU D 125 5.58 -4.82 18.17
C GLU D 125 5.23 -3.34 18.14
N ALA D 126 5.97 -2.53 17.41
CA ALA D 126 5.75 -1.09 17.39
C ALA D 126 4.74 -0.76 16.30
N PRO D 127 4.25 0.49 16.25
CA PRO D 127 3.25 0.83 15.23
C PRO D 127 3.74 0.71 13.81
N VAL D 128 5.05 0.84 13.60
CA VAL D 128 5.68 0.58 12.31
C VAL D 128 6.81 -0.41 12.54
N LYS D 129 7.23 -1.07 11.48
CA LYS D 129 8.43 -1.89 11.53
C LYS D 129 9.64 -0.97 11.53
N VAL D 130 10.50 -1.10 12.55
CA VAL D 130 11.72 -0.31 12.60
C VAL D 130 12.89 -1.26 12.43
N ILE D 131 13.63 -1.10 11.35
CA ILE D 131 14.88 -1.83 11.15
C ILE D 131 16.01 -0.91 11.56
N HIS D 132 16.86 -1.39 12.46
CA HIS D 132 17.86 -0.50 13.04
C HIS D 132 18.94 -0.16 12.01
N ARG D 133 19.62 -1.19 11.48
CA ARG D 133 20.71 -1.13 10.50
C ARG D 133 22.02 -0.61 11.07
N ASP D 134 22.06 -0.19 12.33
CA ASP D 134 23.32 0.25 12.92
C ASP D 134 23.46 -0.26 14.35
N LEU D 135 22.91 -1.43 14.64
CA LEU D 135 23.05 -2.00 15.97
C LEU D 135 24.49 -2.40 16.20
N LYS D 136 25.04 -2.02 17.34
CA LYS D 136 26.42 -2.31 17.72
C LYS D 136 26.57 -2.00 19.20
N SER D 137 27.69 -2.45 19.78
CA SER D 137 27.85 -2.34 21.23
C SER D 137 27.97 -0.89 21.69
N ARG D 138 28.42 0.01 20.82
CA ARG D 138 28.41 1.42 21.19
C ARG D 138 27.00 2.00 21.19
N ASN D 139 26.05 1.32 20.56
CA ASN D 139 24.67 1.78 20.48
C ASN D 139 23.78 1.09 21.50
N VAL D 140 24.37 0.35 22.44
CA VAL D 140 23.64 -0.22 23.56
C VAL D 140 24.20 0.35 24.83
N VAL D 141 23.34 0.76 25.75
CA VAL D 141 23.79 1.40 26.97
C VAL D 141 23.17 0.68 28.16
N ILE D 142 23.77 0.89 29.33
CA ILE D 142 23.44 0.15 30.53
C ILE D 142 22.79 1.12 31.51
N ALA D 143 21.51 0.89 31.81
CA ALA D 143 20.85 1.69 32.83
C ALA D 143 21.34 1.28 34.23
N ALA D 144 20.96 2.09 35.22
CA ALA D 144 21.47 1.96 36.58
C ALA D 144 21.19 0.59 37.18
N ASP D 145 20.09 -0.07 36.81
CA ASP D 145 19.75 -1.38 37.33
C ASP D 145 20.23 -2.52 36.43
N GLY D 146 21.07 -2.22 35.44
CA GLY D 146 21.61 -3.22 34.55
C GLY D 146 20.78 -3.55 33.34
N VAL D 147 19.63 -2.90 33.16
CA VAL D 147 18.81 -3.12 31.96
C VAL D 147 19.45 -2.44 30.77
N LEU D 148 19.67 -3.22 29.70
CA LEU D 148 20.26 -2.68 28.47
C LEU D 148 19.21 -1.96 27.65
N LYS D 149 19.62 -0.85 27.03
CA LYS D 149 18.74 -0.11 26.14
C LYS D 149 19.43 0.18 24.81
N ILE D 150 18.71 -0.04 23.72
CA ILE D 150 19.23 0.19 22.38
C ILE D 150 19.04 1.66 22.03
N CYS D 151 20.10 2.30 21.58
CA CYS D 151 20.05 3.70 21.16
C CYS D 151 20.11 3.79 19.64
N ASP D 152 19.70 4.95 19.13
CA ASP D 152 19.95 5.34 17.75
C ASP D 152 19.18 4.45 16.77
N PHE D 153 18.10 3.83 17.25
CA PHE D 153 17.34 2.92 16.40
C PHE D 153 16.63 3.64 15.27
N GLY D 154 16.49 4.96 15.32
CA GLY D 154 15.75 5.62 14.27
C GLY D 154 16.61 6.35 13.27
N ALA D 155 17.88 6.59 13.60
CA ALA D 155 18.75 7.37 12.71
C ALA D 155 18.73 6.87 11.27
N SER D 156 18.50 5.57 11.07
CA SER D 156 18.47 5.01 9.72
C SER D 156 17.28 5.52 8.92
N ARG D 157 16.09 5.62 9.53
CA ARG D 157 14.90 6.12 8.84
C ARG D 157 14.71 7.62 9.06
N PHE D 158 14.99 8.06 10.30
CA PHE D 158 14.58 9.32 10.92
C PHE D 158 15.60 10.42 10.67
N HIS D 159 15.90 11.22 11.71
CA HIS D 159 16.96 12.21 11.61
C HIS D 159 18.22 11.62 10.98
N ASN D 160 18.61 12.16 9.83
CA ASN D 160 19.81 11.70 9.13
C ASN D 160 20.98 12.64 9.41
N HIS D 161 21.24 12.82 10.70
CA HIS D 161 22.33 13.65 11.20
C HIS D 161 23.45 12.86 11.87
N THR D 162 23.13 11.68 12.42
CA THR D 162 24.11 10.79 13.02
C THR D 162 24.79 9.89 11.99
N THR D 163 24.24 9.80 10.77
CA THR D 163 24.75 8.87 9.76
C THR D 163 26.18 9.22 9.34
N HIS D 164 26.45 10.49 9.07
CA HIS D 164 27.77 10.89 8.58
C HIS D 164 28.39 11.99 9.45
N SER D 166 31.60 7.59 12.15
CA SER D 166 32.13 7.30 10.81
C SER D 166 31.95 5.83 10.45
N LEU D 167 31.81 5.56 9.15
CA LEU D 167 31.54 4.21 8.69
C LEU D 167 32.72 3.26 8.90
N VAL D 168 33.93 3.78 9.14
CA VAL D 168 35.11 2.92 9.14
C VAL D 168 35.08 1.94 10.32
N GLY D 169 34.87 2.45 11.54
CA GLY D 169 34.91 1.59 12.71
C GLY D 169 33.60 0.93 13.05
N THR D 170 32.68 0.87 12.08
CA THR D 170 31.40 0.22 12.26
C THR D 170 31.23 -1.00 11.36
N PHE D 171 32.12 -1.20 10.40
CA PHE D 171 32.07 -2.38 9.55
C PHE D 171 32.03 -3.71 10.29
N PRO D 172 32.74 -3.90 11.43
CA PRO D 172 32.69 -5.23 12.07
C PRO D 172 31.28 -5.65 12.49
N TRP D 173 30.34 -4.73 12.67
CA TRP D 173 28.98 -5.07 13.09
C TRP D 173 28.01 -5.18 11.92
N MET D 174 28.41 -4.80 10.71
CA MET D 174 27.49 -4.72 9.58
C MET D 174 27.38 -6.05 8.84
N ALA D 175 26.14 -6.43 8.53
CA ALA D 175 25.90 -7.54 7.64
C ALA D 175 26.44 -7.24 6.24
N PRO D 176 26.82 -8.28 5.49
CA PRO D 176 27.35 -8.04 4.13
C PRO D 176 26.46 -7.16 3.27
N GLU D 177 25.16 -7.44 3.25
CA GLU D 177 24.24 -6.64 2.46
C GLU D 177 24.29 -5.17 2.85
N VAL D 178 24.57 -4.88 4.12
CA VAL D 178 24.67 -3.48 4.54
C VAL D 178 25.98 -2.87 4.04
N ILE D 179 27.07 -3.63 4.10
CA ILE D 179 28.36 -3.15 3.59
C ILE D 179 28.25 -2.84 2.11
N GLN D 180 27.61 -3.73 1.35
CA GLN D 180 27.36 -3.57 -0.09
C GLN D 180 26.30 -2.51 -0.40
N SER D 181 25.69 -1.88 0.60
CA SER D 181 24.63 -0.88 0.40
C SER D 181 23.47 -1.44 -0.42
N LEU D 182 23.22 -2.73 -0.27
CA LEU D 182 22.11 -3.42 -0.89
C LEU D 182 20.83 -3.15 -0.11
N PRO D 183 19.67 -3.54 -0.65
CA PRO D 183 18.46 -3.47 0.16
C PRO D 183 18.47 -4.56 1.22
N VAL D 184 17.94 -4.23 2.39
CA VAL D 184 18.15 -5.06 3.58
C VAL D 184 16.80 -5.48 4.14
N SER D 185 16.82 -6.58 4.86
CA SER D 185 15.70 -7.07 5.63
C SER D 185 16.02 -6.89 7.11
N GLU D 186 15.08 -7.30 7.97
CA GLU D 186 15.28 -7.10 9.39
C GLU D 186 16.46 -7.93 9.92
N THR D 187 16.82 -9.02 9.23
CA THR D 187 17.91 -9.88 9.68
C THR D 187 19.30 -9.27 9.50
N CYS D 188 19.43 -8.07 8.94
CA CYS D 188 20.71 -7.36 9.10
C CYS D 188 20.93 -7.00 10.57
N ASP D 189 19.86 -6.75 11.31
CA ASP D 189 19.98 -6.55 12.76
C ASP D 189 20.36 -7.83 13.47
N THR D 190 19.83 -8.98 13.01
CA THR D 190 20.24 -10.27 13.55
C THR D 190 21.75 -10.47 13.39
N TYR D 191 22.29 -10.10 12.23
CA TYR D 191 23.73 -10.22 12.05
C TYR D 191 24.47 -9.38 13.07
N SER D 192 24.07 -8.11 13.20
CA SER D 192 24.73 -7.22 14.16
C SER D 192 24.58 -7.76 15.56
N TYR D 193 23.42 -8.34 15.87
CA TYR D 193 23.20 -8.88 17.22
C TYR D 193 24.20 -9.98 17.55
N GLY D 194 24.46 -10.87 16.59
CA GLY D 194 25.47 -11.90 16.80
C GLY D 194 26.82 -11.32 17.17
N VAL D 195 27.20 -10.22 16.53
CA VAL D 195 28.47 -9.59 16.88
C VAL D 195 28.45 -9.15 18.34
N VAL D 196 27.38 -8.46 18.76
CA VAL D 196 27.28 -7.99 20.14
C VAL D 196 27.32 -9.17 21.10
N LEU D 197 26.66 -10.27 20.75
CA LEU D 197 26.70 -11.44 21.61
C LEU D 197 28.11 -12.04 21.68
N TRP D 198 28.81 -12.07 20.54
CA TRP D 198 30.21 -12.49 20.51
C TRP D 198 31.06 -11.60 21.42
N GLU D 199 30.80 -10.30 21.39
CA GLU D 199 31.54 -9.39 22.28
C GLU D 199 31.32 -9.75 23.75
N MET D 200 30.08 -10.05 24.12
CA MET D 200 29.82 -10.42 25.51
C MET D 200 30.52 -11.72 25.88
N LEU D 201 30.62 -12.65 24.93
CA LEU D 201 31.22 -13.95 25.26
C LEU D 201 32.75 -13.86 25.32
N THR D 202 33.36 -13.09 24.43
CA THR D 202 34.81 -13.08 24.28
C THR D 202 35.47 -11.89 24.96
N ARG D 203 34.73 -10.81 25.17
CA ARG D 203 35.26 -9.56 25.71
C ARG D 203 36.44 -9.06 24.88
N GLU D 204 36.27 -9.14 23.57
CA GLU D 204 37.26 -8.71 22.59
C GLU D 204 36.61 -7.71 21.65
N VAL D 205 37.44 -6.85 21.04
CA VAL D 205 36.99 -5.94 20.00
C VAL D 205 36.89 -6.70 18.67
N PRO D 206 35.75 -6.70 18.00
CA PRO D 206 35.64 -7.46 16.74
C PRO D 206 36.53 -6.87 15.66
N PHE D 207 37.34 -7.73 15.05
CA PHE D 207 38.26 -7.33 13.99
C PHE D 207 39.14 -6.17 14.44
N LYS D 208 39.60 -6.25 15.69
CA LYS D 208 40.46 -5.23 16.28
C LYS D 208 41.72 -5.01 15.45
N GLY D 209 41.92 -3.79 14.97
CA GLY D 209 43.14 -3.42 14.28
C GLY D 209 43.12 -3.62 12.78
N LEU D 210 42.01 -4.05 12.20
CA LEU D 210 41.92 -4.25 10.77
C LEU D 210 41.40 -2.97 10.13
N GLU D 211 42.03 -2.56 9.02
CA GLU D 211 41.54 -1.40 8.29
C GLU D 211 40.09 -1.65 7.86
N GLY D 212 39.29 -0.59 7.88
CA GLY D 212 37.88 -0.67 7.53
C GLY D 212 37.62 -1.44 6.25
N LEU D 213 38.23 -1.00 5.15
CA LEU D 213 37.96 -1.65 3.87
C LEU D 213 38.44 -3.09 3.85
N GLN D 214 39.32 -3.46 4.79
CA GLN D 214 39.76 -4.84 4.90
C GLN D 214 38.65 -5.73 5.45
N VAL D 215 37.97 -5.28 6.51
CA VAL D 215 36.81 -6.01 7.03
C VAL D 215 35.74 -6.15 5.94
N ALA D 216 35.38 -5.02 5.31
CA ALA D 216 34.35 -5.01 4.28
C ALA D 216 34.62 -6.09 3.24
N TRP D 217 35.84 -6.10 2.72
CA TRP D 217 36.20 -7.08 1.70
C TRP D 217 36.19 -8.50 2.28
N LEU D 218 36.75 -8.68 3.48
CA LEU D 218 36.79 -10.02 4.08
C LEU D 218 35.38 -10.57 4.31
N VAL D 219 34.48 -9.72 4.80
CA VAL D 219 33.13 -10.17 5.16
C VAL D 219 32.30 -10.46 3.90
N VAL D 220 32.40 -9.60 2.89
CA VAL D 220 31.57 -9.72 1.69
C VAL D 220 32.13 -10.78 0.75
N GLU D 221 33.39 -10.65 0.35
CA GLU D 221 33.91 -11.52 -0.70
C GLU D 221 34.37 -12.86 -0.17
N LYS D 222 34.88 -12.93 1.06
CA LYS D 222 35.46 -14.16 1.58
C LYS D 222 34.59 -14.87 2.59
N ASN D 223 33.41 -14.34 2.93
CA ASN D 223 32.56 -14.94 3.97
C ASN D 223 33.30 -15.10 5.29
N GLU D 224 34.19 -14.15 5.58
CA GLU D 224 34.95 -14.20 6.82
C GLU D 224 34.07 -13.77 7.97
N ARG D 225 34.12 -14.52 9.07
CA ARG D 225 33.35 -14.21 10.28
C ARG D 225 34.28 -14.21 11.48
N LEU D 226 33.86 -13.52 12.55
CA LEU D 226 34.63 -13.50 13.79
C LEU D 226 34.93 -14.93 14.27
N THR D 227 36.16 -15.14 14.73
CA THR D 227 36.55 -16.44 15.27
C THR D 227 35.74 -16.79 16.52
N ILE D 228 35.07 -17.94 16.48
CA ILE D 228 34.40 -18.49 17.65
C ILE D 228 35.35 -19.46 18.34
N PRO D 229 35.76 -19.21 19.59
CA PRO D 229 36.65 -20.15 20.27
C PRO D 229 36.09 -21.59 20.29
N SER D 230 36.99 -22.54 20.00
CA SER D 230 36.60 -23.95 19.91
C SER D 230 35.95 -24.47 21.19
N SER D 231 36.31 -23.91 22.35
CA SER D 231 35.71 -24.33 23.61
C SER D 231 34.45 -23.55 23.97
N CYS D 232 34.02 -22.61 23.14
CA CYS D 232 32.75 -21.94 23.37
C CYS D 232 31.62 -22.97 23.34
N PRO D 233 30.68 -22.94 24.30
CA PRO D 233 29.64 -23.96 24.32
C PRO D 233 28.86 -23.96 23.02
N ARG D 234 28.38 -25.15 22.66
CA ARG D 234 27.83 -25.38 21.32
C ARG D 234 26.56 -24.57 21.06
N SER D 235 25.72 -24.38 22.07
CA SER D 235 24.51 -23.60 21.86
C SER D 235 24.85 -22.17 21.43
N PHE D 236 25.82 -21.55 22.10
CA PHE D 236 26.25 -20.20 21.71
C PHE D 236 26.86 -20.18 20.31
N ALA D 237 27.73 -21.16 20.02
CA ALA D 237 28.45 -21.15 18.74
C ALA D 237 27.50 -21.37 17.58
N GLU D 238 26.55 -22.29 17.72
CA GLU D 238 25.54 -22.49 16.69
C GLU D 238 24.66 -21.26 16.50
N LEU D 239 24.28 -20.61 17.61
CA LEU D 239 23.50 -19.38 17.47
C LEU D 239 24.27 -18.31 16.72
N LEU D 240 25.55 -18.13 17.04
CA LEU D 240 26.36 -17.14 16.32
C LEU D 240 26.44 -17.50 14.83
N HIS D 241 26.70 -18.78 14.52
CA HIS D 241 26.79 -19.18 13.12
C HIS D 241 25.51 -18.84 12.37
N GLN D 242 24.36 -19.11 13.00
CA GLN D 242 23.09 -18.84 12.35
C GLN D 242 22.89 -17.35 12.09
N CYS D 243 23.26 -16.51 13.06
CA CYS D 243 23.10 -15.07 12.93
C CYS D 243 23.97 -14.51 11.81
N TRP D 244 25.07 -15.20 11.49
CA TRP D 244 26.08 -14.70 10.57
C TRP D 244 25.99 -15.35 9.19
N GLU D 245 24.93 -16.10 8.90
CA GLU D 245 24.73 -16.67 7.57
C GLU D 245 24.80 -15.59 6.51
N ALA D 246 25.61 -15.83 5.46
CA ALA D 246 25.68 -14.87 4.36
C ALA D 246 24.29 -14.62 3.77
N ASP D 247 23.52 -15.67 3.58
CA ASP D 247 22.12 -15.53 3.13
C ASP D 247 21.28 -14.98 4.28
N ALA D 248 20.81 -13.74 4.15
CA ALA D 248 20.05 -13.10 5.21
C ALA D 248 18.77 -13.88 5.56
N LYS D 249 18.21 -14.61 4.59
CA LYS D 249 16.99 -15.37 4.83
C LYS D 249 17.24 -16.62 5.67
N LYS D 250 18.49 -16.97 5.93
CA LYS D 250 18.86 -18.10 6.76
C LYS D 250 19.18 -17.73 8.20
N ARG D 251 19.16 -16.45 8.55
CA ARG D 251 19.39 -15.93 9.90
C ARG D 251 18.08 -15.95 10.70
N PRO D 252 18.11 -16.23 12.00
CA PRO D 252 16.87 -16.28 12.76
C PRO D 252 16.25 -14.91 12.96
N SER D 253 14.93 -14.90 13.04
CA SER D 253 14.25 -13.72 13.56
C SER D 253 14.56 -13.56 15.07
N PHE D 254 14.15 -12.41 15.62
CA PHE D 254 14.38 -12.20 17.04
C PHE D 254 13.39 -12.97 17.91
N LYS D 255 12.18 -13.24 17.41
CA LYS D 255 11.32 -14.18 18.11
C LYS D 255 11.99 -15.54 18.22
N GLN D 256 12.64 -15.99 17.13
CA GLN D 256 13.42 -17.22 17.19
C GLN D 256 14.58 -17.12 18.18
N ILE D 257 15.30 -15.99 18.20
CA ILE D 257 16.41 -15.84 19.14
C ILE D 257 15.91 -15.87 20.57
N ILE D 258 14.83 -15.16 20.86
CA ILE D 258 14.28 -15.20 22.22
C ILE D 258 13.93 -16.64 22.59
N SER D 259 13.32 -17.38 21.67
CA SER D 259 12.99 -18.78 21.92
C SER D 259 14.24 -19.61 22.19
N ILE D 260 15.29 -19.40 21.40
CA ILE D 260 16.54 -20.12 21.59
C ILE D 260 17.15 -19.78 22.95
N LEU D 261 17.09 -18.51 23.35
CA LEU D 261 17.64 -18.12 24.64
C LEU D 261 16.87 -18.77 25.79
N GLU D 262 15.55 -18.86 25.66
CA GLU D 262 14.76 -19.52 26.70
C GLU D 262 15.18 -20.98 26.87
N SER D 263 15.26 -21.73 25.76
CA SER D 263 15.72 -23.11 25.84
C SER D 263 17.08 -23.19 26.52
N MET D 264 18.00 -22.30 26.12
CA MET D 264 19.35 -22.30 26.67
C MET D 264 19.32 -22.09 28.17
N SER D 265 18.45 -21.19 28.64
CA SER D 265 18.35 -20.90 30.06
C SER D 265 17.66 -22.03 30.84
N ASN D 266 16.99 -22.95 30.17
CA ASN D 266 16.44 -24.13 30.82
C ASN D 266 17.34 -25.35 30.67
N ASP D 267 18.53 -25.17 30.11
CA ASP D 267 19.48 -26.27 29.93
C ASP D 267 20.36 -26.35 31.17
N THR D 268 20.19 -27.43 31.96
CA THR D 268 20.82 -27.49 33.28
C THR D 268 22.33 -27.69 33.19
N SER D 269 22.84 -28.10 32.05
CA SER D 269 24.28 -28.28 31.86
C SER D 269 24.98 -27.02 31.38
N LEU D 270 24.25 -26.08 30.80
CA LEU D 270 24.91 -24.95 30.15
C LEU D 270 25.67 -24.04 31.13
N PRO D 271 25.15 -23.77 32.37
CA PRO D 271 25.89 -22.87 33.26
C PRO D 271 27.35 -23.27 33.47
N ASP D 272 27.59 -24.51 33.90
CA ASP D 272 28.96 -24.96 34.12
C ASP D 272 29.78 -24.91 32.82
N LYS D 273 29.22 -25.42 31.71
CA LYS D 273 29.94 -25.35 30.43
C LYS D 273 30.34 -23.91 30.11
N CYS D 274 29.40 -22.98 30.21
CA CYS D 274 29.66 -21.61 29.80
C CYS D 274 30.57 -20.88 30.78
N ASN D 275 30.31 -21.04 32.08
CA ASN D 275 31.14 -20.37 33.09
C ASN D 275 32.57 -20.91 33.06
N SER D 276 32.74 -22.22 32.85
CA SER D 276 34.09 -22.74 32.71
C SER D 276 34.77 -22.14 31.48
N PHE D 277 34.05 -22.04 30.36
CA PHE D 277 34.59 -21.38 29.17
C PHE D 277 34.96 -19.94 29.46
N LEU D 278 34.06 -19.21 30.14
CA LEU D 278 34.31 -17.80 30.44
C LEU D 278 35.52 -17.64 31.35
N HIS D 279 35.76 -18.59 32.25
CA HIS D 279 36.90 -18.49 33.16
C HIS D 279 38.22 -18.87 32.50
N ASN D 280 38.21 -19.34 31.24
CA ASN D 280 39.40 -19.91 30.61
C ASN D 280 39.93 -19.04 29.47
N LYS D 281 39.69 -17.72 29.53
CA LYS D 281 40.06 -16.84 28.42
C LYS D 281 41.57 -16.87 28.16
N ALA D 282 42.39 -17.01 29.20
CA ALA D 282 43.83 -17.03 29.00
C ALA D 282 44.25 -18.13 28.04
N GLU D 283 43.43 -19.19 27.93
CA GLU D 283 43.74 -20.29 27.02
C GLU D 283 43.25 -20.01 25.60
N TRP D 284 42.01 -19.56 25.42
CA TRP D 284 41.45 -19.52 24.07
C TRP D 284 41.57 -18.16 23.39
N ARG D 285 41.91 -17.09 24.11
CA ARG D 285 42.01 -15.79 23.43
C ARG D 285 42.98 -15.83 22.26
N CYS D 286 43.97 -16.73 22.26
CA CYS D 286 44.91 -16.81 21.14
C CYS D 286 44.23 -17.27 19.84
N GLU D 287 43.19 -18.11 19.90
CA GLU D 287 42.47 -18.44 18.67
C GLU D 287 42.01 -17.20 17.95
N ILE D 288 41.48 -16.22 18.69
CA ILE D 288 41.05 -14.97 18.09
C ILE D 288 42.25 -14.13 17.66
N GLU D 289 43.23 -13.97 18.54
CA GLU D 289 44.33 -13.07 18.25
C GLU D 289 45.17 -13.59 17.09
N ALA D 290 45.33 -14.90 16.96
CA ALA D 290 46.12 -15.46 15.85
C ALA D 290 45.43 -15.19 14.51
N THR D 291 44.12 -15.42 14.44
CA THR D 291 43.36 -15.15 13.20
C THR D 291 43.56 -13.68 12.80
N LEU D 292 43.50 -12.77 13.78
CA LEU D 292 43.66 -11.32 13.50
C LEU D 292 45.02 -11.01 12.85
N GLU D 293 46.10 -11.61 13.34
CA GLU D 293 47.46 -11.36 12.77
C GLU D 293 47.55 -11.93 11.35
N ARG D 294 46.97 -13.11 11.12
CA ARG D 294 46.97 -13.71 9.77
C ARG D 294 46.19 -12.83 8.79
N LEU D 295 45.16 -12.13 9.28
CA LEU D 295 44.33 -11.25 8.40
C LEU D 295 45.06 -9.92 8.21
N LYS D 296 45.84 -9.49 9.20
CA LYS D 296 46.64 -8.26 9.02
C LYS D 296 47.65 -8.55 7.91
N LYS D 297 48.22 -9.75 7.91
CA LYS D 297 49.20 -10.11 6.89
C LYS D 297 48.55 -10.23 5.52
N LEU D 298 47.26 -10.57 5.46
CA LEU D 298 46.61 -10.94 4.21
C LEU D 298 46.46 -9.79 3.22
N GLU D 299 46.98 -8.60 3.50
CA GLU D 299 46.77 -7.46 2.59
C GLU D 299 48.04 -6.99 1.90
N ARG D 300 49.16 -6.85 2.60
CA ARG D 300 50.40 -6.41 1.97
C ARG D 300 51.51 -7.43 2.19
N12 IGS E . -5.20 -26.15 1.92
C13 IGS E . -3.06 -26.10 1.38
C15 IGS E . -4.87 -25.12 -0.32
C17 IGS E . -6.54 -23.91 -1.54
C20 IGS E . -5.71 -23.95 -2.64
C26 IGS E . -11.11 -22.24 -1.01
C04 IGS E . -1.36 -28.85 4.92
C05 IGS E . -0.38 -27.97 5.37
C06 IGS E . -0.32 -26.69 4.90
C07 IGS E . -1.26 -26.26 3.98
C09 IGS E . -2.23 -27.14 3.51
C14 IGS E . -4.38 -25.79 0.96
C16 IGS E . -6.13 -24.53 -0.33
C18 IGS E . -4.07 -25.14 -1.47
C23 IGS E . -7.70 -23.20 -1.96
C25 IGS E . -9.74 -22.04 -1.68
C27 IGS E . -11.00 -22.84 0.39
C29 IGS E . -12.59 -21.85 2.08
C30 IGS E . -12.94 -20.78 3.13
C31 IGS E . -13.02 -21.45 4.49
C39 IGS E . -2.31 -28.43 4.00
C41 IGS E . 0.95 -31.56 4.56
C42 IGS E . 1.50 -31.59 3.29
C43 IGS E . 2.88 -31.60 3.10
C44 IGS E . 3.71 -31.57 4.20
C45 IGS E . 3.16 -31.54 5.48
C46 IGS E . 4.08 -31.48 6.68
C47 IGS E . 3.59 -31.71 7.95
C48 IGS E . 4.44 -31.61 9.04
C49 IGS E . 5.77 -31.29 8.86
C50 IGS E . 6.26 -31.05 7.59
C51 IGS E . 5.42 -31.14 6.49
C52 IGS E . 1.78 -31.52 5.67
F08 IGS E . -1.20 -24.98 3.53
F40 IGS E . -3.30 -29.26 3.53
N03 IGS E . -1.39 -30.18 5.49
N10 IGS E . -3.22 -26.66 2.58
N11 IGS E . -4.51 -26.67 2.92
N19 IGS E . -4.49 -24.55 -2.59
N21 IGS E . -6.34 -23.30 -3.65
N22 IGS E . -7.54 -22.85 -3.23
N28 IGS E . -11.31 -21.82 1.39
O01 IGS E . -1.45 -31.62 3.36
O24 IGS E . -8.82 -22.95 -1.13
O38 IGS E . -13.37 -22.73 1.86
O53 IGS E . -1.40 -32.76 5.34
S02 IGS E . -0.85 -31.55 4.71
N12 IGS F . 6.38 27.60 1.13
C13 IGS F . 4.20 27.64 1.63
C15 IGS F . 5.42 25.33 1.07
C17 IGS F . 6.77 23.37 0.76
C20 IGS F . 5.59 22.64 0.74
C26 IGS F . 11.42 22.46 -0.12
C04 IGS F . 3.12 32.03 1.07
C05 IGS F . 2.74 32.50 2.33
C06 IGS F . 3.07 31.72 3.44
C07 IGS F . 3.74 30.50 3.24
C09 IGS F . 4.07 30.10 1.97
C14 IGS F . 5.33 26.83 1.27
C16 IGS F . 6.70 24.76 0.94
C18 IGS F . 4.26 24.55 1.05
C23 IGS F . 7.82 22.42 0.58
C25 IGS F . 10.04 21.78 0.05
C27 IGS F . 12.08 22.62 1.25
C29 IGS F . 10.44 23.53 2.98
C30 IGS F . 9.86 24.73 3.74
C31 IGS F . 10.46 24.81 5.15
C39 IGS F . 3.75 30.86 0.90
C41 IGS F . 0.45 34.08 0.30
C42 IGS F . -0.50 33.13 -0.07
C43 IGS F . -1.79 33.26 0.46
C44 IGS F . -2.11 34.30 1.33
C45 IGS F . -1.15 35.23 1.70
C46 IGS F . -1.46 36.39 2.67
C47 IGS F . -2.68 36.47 3.29
C48 IGS F . -2.97 37.53 4.15
C49 IGS F . -2.03 38.52 4.38
C50 IGS F . -0.79 38.44 3.73
C51 IGS F . -0.52 37.39 2.87
C52 IGS F . 0.13 35.11 1.19
F08 IGS F . 4.09 29.66 4.25
F40 IGS F . 4.03 30.51 -0.38
N03 IGS F . 2.90 32.59 -0.22
N10 IGS F . 4.74 28.86 1.68
N11 IGS F . 6.03 28.87 1.35
N19 IGS F . 4.37 23.23 0.88
N21 IGS F . 5.94 21.35 0.54
N22 IGS F . 7.28 21.21 0.46
N28 IGS F . 11.49 23.74 1.97
O01 IGS F . 2.31 34.67 -1.62
O24 IGS F . 9.17 22.76 0.55
O38 IGS F . 10.03 22.44 3.22
O53 IGS F . 2.96 34.97 0.53
S02 IGS F . 2.16 34.06 -0.30
N12 IGS G . -14.85 5.91 1.76
C13 IGS G . -12.70 5.93 1.29
C15 IGS G . -13.90 8.17 2.05
C17 IGS G . -15.13 10.02 2.87
C20 IGS G . -14.07 10.82 2.51
C26 IGS G . -19.57 10.89 4.63
C04 IGS G . -12.04 2.11 -1.13
C05 IGS G . -11.28 1.26 -0.33
C06 IGS G . -11.16 1.56 1.03
C07 IGS G . -11.78 2.71 1.54
C09 IGS G . -12.50 3.52 0.71
C14 IGS G . -13.81 6.70 1.72
C16 IGS G . -15.06 8.63 2.64
C18 IGS G . -12.85 9.01 1.67
C23 IGS G . -16.10 10.91 3.45
C25 IGS G . -18.27 11.53 4.10
C27 IGS G . -19.33 10.43 6.06
C29 IGS G . -17.35 8.85 6.55
C30 IGS G . -16.81 7.42 6.60
C31 IGS G . -16.93 6.96 8.06
C39 IGS G . -12.63 3.22 -0.60
C41 IGS G . -9.99 0.55 -3.46
C42 IGS G . -9.22 1.66 -3.82
C43 IGS G . -7.85 1.53 -3.88
C44 IGS G . -7.24 0.31 -3.56
C45 IGS G . -8.02 -0.79 -3.19
C46 IGS G . -7.39 -2.12 -2.83
C47 IGS G . -8.17 -3.27 -2.83
C48 IGS G . -7.61 -4.50 -2.50
C49 IGS G . -6.28 -4.58 -2.14
C50 IGS G . -5.51 -3.42 -2.11
C51 IGS G . -6.06 -2.20 -2.47
C52 IGS G . -9.40 -0.66 -3.15
F08 IGS G . -11.69 3.09 2.84
F40 IGS G . -13.34 4.01 -1.44
N03 IGS G . -12.29 2.02 -2.55
N10 IGS G . -13.19 4.71 1.14
N11 IGS G . -14.48 4.70 1.40
N19 IGS G . -12.95 10.30 1.93
N21 IGS G . -14.40 12.09 2.85
N22 IGS G . -15.62 12.13 3.43
N28 IGS G . -18.74 9.09 6.11
O01 IGS G . -12.36 0.67 -4.75
O24 IGS G . -17.33 10.49 3.97
O38 IGS G . -16.62 9.72 6.88
O53 IGS G . -12.41 -0.51 -2.74
S02 IGS G . -11.81 0.68 -3.39
N12 IGS H . 22.92 8.68 23.03
C13 IGS H . 20.84 8.87 23.77
C15 IGS H . 22.73 7.92 25.38
C17 IGS H . 24.63 7.28 26.69
C20 IGS H . 23.74 6.89 27.66
C26 IGS H . 29.47 7.01 26.19
C04 IGS H . 18.43 9.12 19.90
C05 IGS H . 17.85 10.39 19.87
C06 IGS H . 18.33 11.36 20.78
C07 IGS H . 19.36 11.03 21.68
C09 IGS H . 19.87 9.76 21.67
C14 IGS H . 22.16 8.47 24.10
C16 IGS H . 24.13 7.81 25.50
C18 IGS H . 21.87 7.49 26.38
C23 IGS H . 25.95 7.01 27.21
C25 IGS H . 28.27 6.60 27.05
C27 IGS H . 29.82 8.47 26.47
C29 IGS H . 27.98 10.25 26.30
C30 IGS H . 27.18 11.22 25.42
C31 IGS H . 27.81 12.62 25.52
C39 IGS H . 19.41 8.84 20.79
C41 IGS H . 15.19 8.39 18.83
C42 IGS H . 14.67 7.78 19.95
C43 IGS H . 13.45 8.22 20.46
C44 IGS H . 12.76 9.26 19.82
C45 IGS H . 13.29 9.87 18.70
C46 IGS H . 12.59 11.04 17.98
C47 IGS H . 11.53 11.71 18.56
C48 IGS H . 10.91 12.78 17.92
C49 IGS H . 11.36 13.19 16.68
C50 IGS H . 12.42 12.53 16.07
C51 IGS H . 13.02 11.46 16.73
C52 IGS H . 14.51 9.43 18.22
F08 IGS H . 19.89 11.91 22.60
F40 IGS H . 19.95 7.59 20.79
N03 IGS H . 18.11 7.96 19.12
N10 IGS H . 20.93 9.29 22.50
N11 IGS H . 22.17 9.17 22.05
N19 IGS H . 22.39 7.00 27.52
N21 IGS H . 24.48 6.41 28.69
N22 IGS H . 25.80 6.50 28.43
N28 IGS H . 29.00 9.39 25.68
O01 IGS H . 16.67 6.51 17.57
O24 IGS H . 27.16 7.27 26.54
O38 IGS H . 27.76 10.24 27.48
O53 IGS H . 17.05 8.72 16.91
S02 IGS H . 16.78 7.88 18.09
#